data_3IFF
# 
_entry.id   3IFF 
# 
_audit_conform.dict_name       mmcif_pdbx.dic 
_audit_conform.dict_version    5.378 
_audit_conform.dict_location   http://mmcif.pdb.org/dictionaries/ascii/mmcif_pdbx.dic 
# 
loop_
_database_2.database_id 
_database_2.database_code 
_database_2.pdbx_database_accession 
_database_2.pdbx_DOI 
PDB   3IFF         pdb_00003iff 10.2210/pdb3iff/pdb 
NDB   NA0095       ?            ?                   
RCSB  RCSB054343   ?            ?                   
WWPDB D_1000054343 ?            ?                   
# 
_pdbx_database_related.db_name        PDB 
_pdbx_database_related.db_id          3IFI 
_pdbx_database_related.details        . 
_pdbx_database_related.content_type   unspecified 
# 
_pdbx_database_status.status_code                     REL 
_pdbx_database_status.entry_id                        3IFF 
_pdbx_database_status.recvd_initial_deposition_date   2009-07-24 
_pdbx_database_status.deposit_site                    RCSB 
_pdbx_database_status.process_site                    RCSB 
_pdbx_database_status.status_code_sf                  REL 
_pdbx_database_status.status_code_mr                  ? 
_pdbx_database_status.SG_entry                        ? 
_pdbx_database_status.pdb_format_compatible           Y 
_pdbx_database_status.status_code_cs                  ? 
_pdbx_database_status.status_code_nmr_data            ? 
_pdbx_database_status.methods_development_category    ? 
# 
loop_
_audit_author.name 
_audit_author.pdbx_ordinal 
'Sheng, J.' 1 
'Gan, J.'   2 
'Salon, J.' 3 
'Huang, Z.' 4 
# 
_citation.id                        primary 
_citation.title                     
;Selenium modification at 2'-position of adenosine for nucleic acid structure studies
;
_citation.journal_abbrev            'To be Published' 
_citation.journal_volume            ? 
_citation.page_first                ? 
_citation.page_last                 ? 
_citation.year                      ? 
_citation.journal_id_ASTM           ? 
_citation.country                   ? 
_citation.journal_id_ISSN           ? 
_citation.journal_id_CSD            0353 
_citation.book_publisher            ? 
_citation.pdbx_database_id_PubMed   ? 
_citation.pdbx_database_id_DOI      ? 
# 
loop_
_citation_author.citation_id 
_citation_author.name 
_citation_author.ordinal 
_citation_author.identifier_ORCID 
primary 'Sheng, J.' 1 ? 
primary 'Gan, J.'   2 ? 
primary 'Salon, J.' 3 ? 
primary 'Huang, Z.' 4 ? 
# 
_cell.entry_id           3IFF 
_cell.length_a           38.748 
_cell.length_b           38.748 
_cell.length_c           76.628 
_cell.angle_alpha        90.00 
_cell.angle_beta         90.00 
_cell.angle_gamma        120.00 
_cell.Z_PDB              12 
_cell.pdbx_unique_axis   ? 
_cell.length_a_esd       ? 
_cell.length_b_esd       ? 
_cell.length_c_esd       ? 
_cell.angle_alpha_esd    ? 
_cell.angle_beta_esd     ? 
_cell.angle_gamma_esd    ? 
# 
_symmetry.entry_id                         3IFF 
_symmetry.space_group_name_H-M             'P 61' 
_symmetry.pdbx_full_space_group_name_H-M   ? 
_symmetry.cell_setting                     ? 
_symmetry.Int_Tables_number                169 
_symmetry.space_group_name_Hall            ? 
# 
loop_
_entity.id 
_entity.type 
_entity.src_method 
_entity.pdbx_description 
_entity.formula_weight 
_entity.pdbx_number_of_molecules 
_entity.pdbx_ec 
_entity.pdbx_mutation 
_entity.pdbx_fragment 
_entity.details 
1 polymer     syn 
;DNA (5'-D(*GP*TP*AP*CP*GP*CP*GP*TP*(XUA)P*C)-3')
;
3137.991 2  ? ? ? Se-DNA-10mer 
2 non-polymer syn 'MAGNESIUM ION'                                    24.305   3  ? ? ? ?            
3 water       nat water                                              18.015   59 ? ? ? ?            
# 
_entity_poly.entity_id                      1 
_entity_poly.type                           polydeoxyribonucleotide 
_entity_poly.nstd_linkage                   no 
_entity_poly.nstd_monomer                   yes 
_entity_poly.pdbx_seq_one_letter_code       '(DG)(DT)(DA)(DC)(DG)(DC)(DG)(DT)(XUA)(DC)' 
_entity_poly.pdbx_seq_one_letter_code_can   GTACGCGTAC 
_entity_poly.pdbx_strand_id                 A,B 
_entity_poly.pdbx_target_identifier         ? 
# 
loop_
_entity_poly_seq.entity_id 
_entity_poly_seq.num 
_entity_poly_seq.mon_id 
_entity_poly_seq.hetero 
1 1  DG  n 
1 2  DT  n 
1 3  DA  n 
1 4  DC  n 
1 5  DG  n 
1 6  DC  n 
1 7  DG  n 
1 8  DT  n 
1 9  XUA n 
1 10 DC  n 
# 
_pdbx_entity_src_syn.entity_id              1 
_pdbx_entity_src_syn.pdbx_src_id            1 
_pdbx_entity_src_syn.pdbx_alt_source_flag   sample 
_pdbx_entity_src_syn.pdbx_beg_seq_num       ? 
_pdbx_entity_src_syn.pdbx_end_seq_num       ? 
_pdbx_entity_src_syn.organism_scientific    ? 
_pdbx_entity_src_syn.organism_common_name   ? 
_pdbx_entity_src_syn.ncbi_taxonomy_id       ? 
_pdbx_entity_src_syn.details                'Synthesized by solid phase synthesis' 
# 
_struct_ref.id                         1 
_struct_ref.db_name                    PDB 
_struct_ref.db_code                    3IFF 
_struct_ref.pdbx_db_accession          3IFF 
_struct_ref.entity_id                  1 
_struct_ref.pdbx_seq_one_letter_code   GTACGCGTAC 
_struct_ref.pdbx_align_begin           1 
_struct_ref.pdbx_db_isoform            ? 
# 
loop_
_struct_ref_seq.align_id 
_struct_ref_seq.ref_id 
_struct_ref_seq.pdbx_PDB_id_code 
_struct_ref_seq.pdbx_strand_id 
_struct_ref_seq.seq_align_beg 
_struct_ref_seq.pdbx_seq_align_beg_ins_code 
_struct_ref_seq.seq_align_end 
_struct_ref_seq.pdbx_seq_align_end_ins_code 
_struct_ref_seq.pdbx_db_accession 
_struct_ref_seq.db_align_beg 
_struct_ref_seq.pdbx_db_align_beg_ins_code 
_struct_ref_seq.db_align_end 
_struct_ref_seq.pdbx_db_align_end_ins_code 
_struct_ref_seq.pdbx_auth_seq_align_beg 
_struct_ref_seq.pdbx_auth_seq_align_end 
1 1 3IFF A 1 ? 10 ? 3IFF 1 ? 10 ? 1 10 
2 1 3IFF B 1 ? 10 ? 3IFF 1 ? 10 ? 1 10 
# 
loop_
_chem_comp.id 
_chem_comp.type 
_chem_comp.mon_nstd_flag 
_chem_comp.name 
_chem_comp.pdbx_synonyms 
_chem_comp.formula 
_chem_comp.formula_weight 
DA  'DNA linking' y "2'-DEOXYADENOSINE-5'-MONOPHOSPHATE"                        ? 'C10 H14 N5 O6 P'    331.222 
DC  'DNA linking' y "2'-DEOXYCYTIDINE-5'-MONOPHOSPHATE"                         ? 'C9 H14 N3 O7 P'     307.197 
DG  'DNA linking' y "2'-DEOXYGUANOSINE-5'-MONOPHOSPHATE"                        ? 'C10 H14 N5 O7 P'    347.221 
DT  'DNA linking' y "THYMIDINE-5'-MONOPHOSPHATE"                                ? 'C10 H15 N2 O8 P'    322.208 
HOH non-polymer   . WATER                                                       ? 'H2 O'               18.015  
MG  non-polymer   . 'MAGNESIUM ION'                                             ? 'Mg 2'               24.305  
XUA 'DNA linking' n 
;2'-Se-methyl-2'-selenoadenosine 5'-(dihydrogen phosphate)
;
? 'C11 H16 N5 O6 P Se' 424.208 
# 
_exptl.entry_id          3IFF 
_exptl.method            'X-RAY DIFFRACTION' 
_exptl.crystals_number   1 
# 
_exptl_crystal.id                    1 
_exptl_crystal.density_meas          ? 
_exptl_crystal.density_Matthews      2.65 
_exptl_crystal.density_percent_sol   53.51 
_exptl_crystal.description           ? 
_exptl_crystal.F_000                 ? 
_exptl_crystal.preparation           ? 
# 
_exptl_crystal_grow.crystal_id      1 
_exptl_crystal_grow.method          'VAPOR DIFFUSION, HANGING DROP' 
_exptl_crystal_grow.temp            293 
_exptl_crystal_grow.temp_details    ? 
_exptl_crystal_grow.pH              7.0 
_exptl_crystal_grow.pdbx_details    
;10% v / v MPD, 40 mM Na Cacodylate pH 7.0, 12 mM Spermine tetra-HCl, 40 mM Lithium Chloride, 80 mM Strontium Chloride, VAPOR DIFFUSION, HANGING DROP, temperature 310K, temperature 293K
;
_exptl_crystal_grow.pdbx_pH_range   ? 
# 
_diffrn.id                     1 
_diffrn.ambient_temp           99 
_diffrn.ambient_temp_details   ? 
_diffrn.crystal_id             1 
# 
_diffrn_detector.diffrn_id              1 
_diffrn_detector.detector               CCD 
_diffrn_detector.type                   'ADSC QUANTUM 210' 
_diffrn_detector.pdbx_collection_date   2008-10-22 
_diffrn_detector.details                ? 
# 
_diffrn_radiation.diffrn_id                        1 
_diffrn_radiation.wavelength_id                    1 
_diffrn_radiation.pdbx_monochromatic_or_laue_m_l   M 
_diffrn_radiation.monochromator                    'Si(111)' 
_diffrn_radiation.pdbx_diffrn_protocol             'SINGLE WAVELENGTH' 
_diffrn_radiation.pdbx_scattering_type             x-ray 
# 
_diffrn_radiation_wavelength.id           1 
_diffrn_radiation_wavelength.wavelength   0.9795 
_diffrn_radiation_wavelength.wt           1.0 
# 
_diffrn_source.diffrn_id                   1 
_diffrn_source.source                      SYNCHROTRON 
_diffrn_source.type                        'NSLS BEAMLINE X12C' 
_diffrn_source.pdbx_synchrotron_site       NSLS 
_diffrn_source.pdbx_synchrotron_beamline   X12C 
_diffrn_source.pdbx_wavelength             ? 
_diffrn_source.pdbx_wavelength_list        0.9795 
# 
_reflns.entry_id                     3IFF 
_reflns.observed_criterion_sigma_I   ? 
_reflns.observed_criterion_sigma_F   ? 
_reflns.d_resolution_low             30 
_reflns.d_resolution_high            1.71 
_reflns.number_obs                   7686 
_reflns.number_all                   7932 
_reflns.percent_possible_obs         96.9 
_reflns.pdbx_Rmerge_I_obs            0.048 
_reflns.pdbx_Rsym_value              ? 
_reflns.pdbx_netI_over_sigmaI        31.64 
_reflns.B_iso_Wilson_estimate        ? 
_reflns.pdbx_redundancy              7.3 
_reflns.R_free_details               ? 
_reflns.limit_h_max                  ? 
_reflns.limit_h_min                  ? 
_reflns.limit_k_max                  ? 
_reflns.limit_k_min                  ? 
_reflns.limit_l_max                  ? 
_reflns.limit_l_min                  ? 
_reflns.observed_criterion_F_max     ? 
_reflns.observed_criterion_F_min     ? 
_reflns.pdbx_chi_squared             ? 
_reflns.pdbx_scaling_rejects         ? 
_reflns.pdbx_ordinal                 1 
_reflns.pdbx_diffrn_id               1 
# 
_reflns_shell.d_res_high             1.71 
_reflns_shell.d_res_low              1.78 
_reflns_shell.percent_possible_all   95.1 
_reflns_shell.Rmerge_I_obs           0.39 
_reflns_shell.pdbx_Rsym_value        ? 
_reflns_shell.meanI_over_sigI_obs    2.94 
_reflns_shell.pdbx_redundancy        4.0 
_reflns_shell.percent_possible_obs   ? 
_reflns_shell.number_unique_all      752 
_reflns_shell.number_measured_all    ? 
_reflns_shell.number_measured_obs    ? 
_reflns_shell.number_unique_obs      ? 
_reflns_shell.pdbx_chi_squared       ? 
_reflns_shell.pdbx_ordinal           1 
_reflns_shell.pdbx_diffrn_id         1 
# 
_refine.entry_id                                 3IFF 
_refine.ls_number_reflns_obs                     6208 
_refine.ls_number_reflns_all                     6208 
_refine.pdbx_ls_sigma_I                          ? 
_refine.pdbx_ls_sigma_F                          . 
_refine.pdbx_data_cutoff_high_absF               ? 
_refine.pdbx_data_cutoff_low_absF                ? 
_refine.pdbx_data_cutoff_high_rms_absF           ? 
_refine.ls_d_res_low                             30 
_refine.ls_d_res_high                            1.75 
_refine.ls_percent_reflns_obs                    98.62 
_refine.ls_R_factor_obs                          0.20609 
_refine.ls_R_factor_all                          0.20609 
_refine.ls_R_factor_R_work                       0.20226 
_refine.ls_R_factor_R_free                       0.27831 
_refine.ls_R_factor_R_free_error                 ? 
_refine.ls_R_factor_R_free_error_details         ? 
_refine.ls_percent_reflns_R_free                 4.5 
_refine.ls_number_reflns_R_free                  294 
_refine.ls_number_parameters                     ? 
_refine.ls_number_restraints                     ? 
_refine.occupancy_min                            ? 
_refine.occupancy_max                            ? 
_refine.correlation_coeff_Fo_to_Fc               0.973 
_refine.correlation_coeff_Fo_to_Fc_free          0.938 
_refine.B_iso_mean                               48.071 
_refine.aniso_B[1][1]                            -0.45 
_refine.aniso_B[2][2]                            -0.45 
_refine.aniso_B[3][3]                            0.68 
_refine.aniso_B[1][2]                            -0.23 
_refine.aniso_B[1][3]                            0.00 
_refine.aniso_B[2][3]                            0.00 
_refine.solvent_model_details                    MASK 
_refine.solvent_model_param_ksol                 ? 
_refine.solvent_model_param_bsol                 ? 
_refine.pdbx_solvent_vdw_probe_radii             1.20 
_refine.pdbx_solvent_ion_probe_radii             0.80 
_refine.pdbx_solvent_shrinkage_radii             0.80 
_refine.pdbx_ls_cross_valid_method               THROUGHOUT 
_refine.details                                  'HYDROGENS HAVE BEEN ADDED IN THE RIDING POSITIONS' 
_refine.pdbx_starting_model                      395D 
_refine.pdbx_method_to_determine_struct          'MOLECULAR REPLACEMENT' 
_refine.pdbx_isotropic_thermal_model             Isotropic 
_refine.pdbx_stereochemistry_target_values       'MAXIMUM LIKELIHOOD' 
_refine.pdbx_stereochem_target_val_spec_case     ? 
_refine.pdbx_R_Free_selection_details            RANDOM 
_refine.pdbx_overall_ESU_R                       0.119 
_refine.pdbx_overall_ESU_R_Free                  0.137 
_refine.overall_SU_ML                            0.152 
_refine.overall_SU_B                             10.502 
_refine.ls_redundancy_reflns_obs                 ? 
_refine.B_iso_min                                ? 
_refine.B_iso_max                                ? 
_refine.overall_SU_R_Cruickshank_DPI             ? 
_refine.overall_SU_R_free                        ? 
_refine.ls_wR_factor_R_free                      ? 
_refine.ls_wR_factor_R_work                      ? 
_refine.overall_FOM_free_R_set                   ? 
_refine.overall_FOM_work_R_set                   ? 
_refine.pdbx_overall_phase_error                 ? 
_refine.pdbx_refine_id                           'X-RAY DIFFRACTION' 
_refine.pdbx_TLS_residual_ADP_flag               'LIKELY RESIDUAL' 
_refine.pdbx_diffrn_id                           1 
_refine.pdbx_overall_SU_R_free_Cruickshank_DPI   ? 
_refine.pdbx_overall_SU_R_Blow_DPI               ? 
_refine.pdbx_overall_SU_R_free_Blow_DPI          ? 
# 
_refine_analyze.entry_id                        3IFF 
_refine_analyze.Luzzati_coordinate_error_obs    0.119 
_refine_analyze.Luzzati_sigma_a_obs             0.152 
_refine_analyze.Luzzati_d_res_low_obs           ? 
_refine_analyze.Luzzati_coordinate_error_free   0.137 
_refine_analyze.Luzzati_sigma_a_free            ? 
_refine_analyze.Luzzati_d_res_low_free          ? 
_refine_analyze.number_disordered_residues      ? 
_refine_analyze.occupancy_sum_hydrogen          ? 
_refine_analyze.occupancy_sum_non_hydrogen      ? 
_refine_analyze.pdbx_Luzzati_d_res_high_obs     ? 
_refine_analyze.pdbx_refine_id                  'X-RAY DIFFRACTION' 
# 
_refine_hist.pdbx_refine_id                   'X-RAY DIFFRACTION' 
_refine_hist.cycle_id                         LAST 
_refine_hist.pdbx_number_atoms_protein        0 
_refine_hist.pdbx_number_atoms_nucleic_acid   408 
_refine_hist.pdbx_number_atoms_ligand         3 
_refine_hist.number_atoms_solvent             59 
_refine_hist.number_atoms_total               470 
_refine_hist.d_res_high                       1.75 
_refine_hist.d_res_low                        30 
# 
loop_
_refine_ls_restr.type 
_refine_ls_restr.dev_ideal 
_refine_ls_restr.dev_ideal_target 
_refine_ls_restr.weight 
_refine_ls_restr.number 
_refine_ls_restr.pdbx_refine_id 
_refine_ls_restr.pdbx_restraint_function 
r_bond_refined_d         0.011 0.021 ? 456 'X-RAY DIFFRACTION' ? 
r_angle_refined_deg      1.964 3.000 ? 700 'X-RAY DIFFRACTION' ? 
r_chiral_restr           0.094 0.200 ? 80  'X-RAY DIFFRACTION' ? 
r_gen_planes_refined     0.010 0.020 ? 210 'X-RAY DIFFRACTION' ? 
r_nbd_refined            0.171 0.200 ? 151 'X-RAY DIFFRACTION' ? 
r_nbtor_refined          0.284 0.200 ? 279 'X-RAY DIFFRACTION' ? 
r_xyhbond_nbd_refined    0.183 0.200 ? 44  'X-RAY DIFFRACTION' ? 
r_metal_ion_refined      0.063 0.200 ? 2   'X-RAY DIFFRACTION' ? 
r_symmetry_vdw_refined   0.143 0.200 ? 35  'X-RAY DIFFRACTION' ? 
r_symmetry_hbond_refined 0.129 0.200 ? 3   'X-RAY DIFFRACTION' ? 
r_scbond_it              1.659 3.000 ? 663 'X-RAY DIFFRACTION' ? 
r_scangle_it             2.317 4.500 ? 700 'X-RAY DIFFRACTION' ? 
# 
_refine_ls_shell.pdbx_total_number_of_bins_used   20 
_refine_ls_shell.d_res_high                       1.750 
_refine_ls_shell.d_res_low                        1.795 
_refine_ls_shell.number_reflns_R_work             446 
_refine_ls_shell.R_factor_R_work                  0.386 
_refine_ls_shell.percent_reflns_obs               97.67 
_refine_ls_shell.R_factor_R_free                  0.494 
_refine_ls_shell.R_factor_R_free_error            ? 
_refine_ls_shell.percent_reflns_R_free            ? 
_refine_ls_shell.number_reflns_R_free             15 
_refine_ls_shell.number_reflns_all                ? 
_refine_ls_shell.R_factor_all                     ? 
_refine_ls_shell.number_reflns_obs                ? 
_refine_ls_shell.redundancy_reflns_obs            ? 
_refine_ls_shell.pdbx_refine_id                   'X-RAY DIFFRACTION' 
# 
_struct.entry_id                  3IFF 
_struct.title                     
;2'-SeMe-A modified DNA decamer
;
_struct.pdbx_model_details        ? 
_struct.pdbx_CASP_flag            ? 
_struct.pdbx_model_type_details   ? 
# 
_struct_keywords.entry_id        3IFF 
_struct_keywords.pdbx_keywords   DNA 
_struct_keywords.text            'Selenium, nucleic acid, Adenosine, DNA' 
# 
loop_
_struct_asym.id 
_struct_asym.pdbx_blank_PDB_chainid_flag 
_struct_asym.pdbx_modified 
_struct_asym.entity_id 
_struct_asym.details 
A N N 1 ? 
B N N 1 ? 
C N N 2 ? 
D N N 2 ? 
E N N 2 ? 
F N N 3 ? 
G N N 3 ? 
# 
_struct_biol.id        1 
_struct_biol.details   ? 
# 
loop_
_struct_conn.id 
_struct_conn.conn_type_id 
_struct_conn.pdbx_leaving_atom_flag 
_struct_conn.pdbx_PDB_id 
_struct_conn.ptnr1_label_asym_id 
_struct_conn.ptnr1_label_comp_id 
_struct_conn.ptnr1_label_seq_id 
_struct_conn.ptnr1_label_atom_id 
_struct_conn.pdbx_ptnr1_label_alt_id 
_struct_conn.pdbx_ptnr1_PDB_ins_code 
_struct_conn.pdbx_ptnr1_standard_comp_id 
_struct_conn.ptnr1_symmetry 
_struct_conn.ptnr2_label_asym_id 
_struct_conn.ptnr2_label_comp_id 
_struct_conn.ptnr2_label_seq_id 
_struct_conn.ptnr2_label_atom_id 
_struct_conn.pdbx_ptnr2_label_alt_id 
_struct_conn.pdbx_ptnr2_PDB_ins_code 
_struct_conn.ptnr1_auth_asym_id 
_struct_conn.ptnr1_auth_comp_id 
_struct_conn.ptnr1_auth_seq_id 
_struct_conn.ptnr2_auth_asym_id 
_struct_conn.ptnr2_auth_comp_id 
_struct_conn.ptnr2_auth_seq_id 
_struct_conn.ptnr2_symmetry 
_struct_conn.pdbx_ptnr3_label_atom_id 
_struct_conn.pdbx_ptnr3_label_seq_id 
_struct_conn.pdbx_ptnr3_label_comp_id 
_struct_conn.pdbx_ptnr3_label_asym_id 
_struct_conn.pdbx_ptnr3_label_alt_id 
_struct_conn.pdbx_ptnr3_PDB_ins_code 
_struct_conn.details 
_struct_conn.pdbx_dist_value 
_struct_conn.pdbx_value_order 
_struct_conn.pdbx_role 
covale1  covale both ? A DT  8  "O3'" ? ? ? 1_555 A XUA 9  P  ? ? A DT  8  A XUA 9  1_555 ? ? ? ? ? ? ?            1.582 ? ? 
covale2  covale both ? A XUA 9  "O3'" ? ? ? 1_555 A DC  10 P  ? ? A XUA 9  A DC  10 1_555 ? ? ? ? ? ? ?            1.610 ? ? 
covale3  covale both ? B DT  8  "O3'" ? ? ? 1_555 B XUA 9  P  ? ? B DT  8  B XUA 9  1_555 ? ? ? ? ? ? ?            1.585 ? ? 
covale4  covale both ? B XUA 9  "O3'" ? ? ? 1_555 B DC  10 P  ? ? B XUA 9  B DC  10 1_555 ? ? ? ? ? ? ?            1.586 ? ? 
metalc1  metalc ?    ? F HOH .  O     ? ? ? 1_555 E MG  .  MG ? ? A HOH 36 B MG  62 1_555 ? ? ? ? ? ? ?            2.141 ? ? 
metalc2  metalc ?    ? F HOH .  O     ? ? ? 1_555 C MG  .  MG ? ? A HOH 38 A MG  60 1_555 ? ? ? ? ? ? ?            1.955 ? ? 
metalc3  metalc ?    ? F HOH .  O     ? ? ? 1_555 E MG  .  MG ? ? A HOH 52 B MG  62 1_555 ? ? ? ? ? ? ?            2.233 ? ? 
metalc4  metalc ?    ? B DT  2  OP2   ? ? ? 1_555 D MG  .  MG ? ? B DT  2  B MG  61 1_555 ? ? ? ? ? ? ?            1.907 ? ? 
metalc5  metalc ?    ? G HOH .  O     ? ? ? 1_555 E MG  .  MG ? ? B HOH 15 B MG  62 1_555 ? ? ? ? ? ? ?            2.412 ? ? 
hydrog1  hydrog ?    ? A DG  1  N1    ? ? ? 1_555 B DC  10 N3 ? ? A DG  1  B DC  10 1_555 ? ? ? ? ? ? WATSON-CRICK ?     ? ? 
hydrog2  hydrog ?    ? A DG  1  N2    ? ? ? 1_555 B DC  10 O2 ? ? A DG  1  B DC  10 1_555 ? ? ? ? ? ? WATSON-CRICK ?     ? ? 
hydrog3  hydrog ?    ? A DG  1  O6    ? ? ? 1_555 B DC  10 N4 ? ? A DG  1  B DC  10 1_555 ? ? ? ? ? ? WATSON-CRICK ?     ? ? 
hydrog4  hydrog ?    ? A DT  2  N3    ? ? ? 1_555 B XUA 9  N1 ? ? A DT  2  B XUA 9  1_555 ? ? ? ? ? ? WATSON-CRICK ?     ? ? 
hydrog5  hydrog ?    ? A DT  2  O4    ? ? ? 1_555 B XUA 9  N6 ? ? A DT  2  B XUA 9  1_555 ? ? ? ? ? ? WATSON-CRICK ?     ? ? 
hydrog6  hydrog ?    ? A DA  3  N1    ? ? ? 1_555 B DT  8  N3 ? ? A DA  3  B DT  8  1_555 ? ? ? ? ? ? WATSON-CRICK ?     ? ? 
hydrog7  hydrog ?    ? A DA  3  N6    ? ? ? 1_555 B DT  8  O4 ? ? A DA  3  B DT  8  1_555 ? ? ? ? ? ? WATSON-CRICK ?     ? ? 
hydrog8  hydrog ?    ? A DC  4  N3    ? ? ? 1_555 B DG  7  N1 ? ? A DC  4  B DG  7  1_555 ? ? ? ? ? ? WATSON-CRICK ?     ? ? 
hydrog9  hydrog ?    ? A DC  4  N4    ? ? ? 1_555 B DG  7  O6 ? ? A DC  4  B DG  7  1_555 ? ? ? ? ? ? WATSON-CRICK ?     ? ? 
hydrog10 hydrog ?    ? A DC  4  O2    ? ? ? 1_555 B DG  7  N2 ? ? A DC  4  B DG  7  1_555 ? ? ? ? ? ? WATSON-CRICK ?     ? ? 
hydrog11 hydrog ?    ? A DG  5  N1    ? ? ? 1_555 B DC  6  N3 ? ? A DG  5  B DC  6  1_555 ? ? ? ? ? ? WATSON-CRICK ?     ? ? 
hydrog12 hydrog ?    ? A DG  5  N2    ? ? ? 1_555 B DC  6  O2 ? ? A DG  5  B DC  6  1_555 ? ? ? ? ? ? WATSON-CRICK ?     ? ? 
hydrog13 hydrog ?    ? A DG  5  O6    ? ? ? 1_555 B DC  6  N4 ? ? A DG  5  B DC  6  1_555 ? ? ? ? ? ? WATSON-CRICK ?     ? ? 
hydrog14 hydrog ?    ? A DC  6  N3    ? ? ? 1_555 B DG  5  N1 ? ? A DC  6  B DG  5  1_555 ? ? ? ? ? ? WATSON-CRICK ?     ? ? 
hydrog15 hydrog ?    ? A DC  6  N4    ? ? ? 1_555 B DG  5  O6 ? ? A DC  6  B DG  5  1_555 ? ? ? ? ? ? WATSON-CRICK ?     ? ? 
hydrog16 hydrog ?    ? A DC  6  O2    ? ? ? 1_555 B DG  5  N2 ? ? A DC  6  B DG  5  1_555 ? ? ? ? ? ? WATSON-CRICK ?     ? ? 
hydrog17 hydrog ?    ? A DG  7  N1    ? ? ? 1_555 B DC  4  N3 ? ? A DG  7  B DC  4  1_555 ? ? ? ? ? ? WATSON-CRICK ?     ? ? 
hydrog18 hydrog ?    ? A DG  7  N2    ? ? ? 1_555 B DC  4  O2 ? ? A DG  7  B DC  4  1_555 ? ? ? ? ? ? WATSON-CRICK ?     ? ? 
hydrog19 hydrog ?    ? A DG  7  O6    ? ? ? 1_555 B DC  4  N4 ? ? A DG  7  B DC  4  1_555 ? ? ? ? ? ? WATSON-CRICK ?     ? ? 
hydrog20 hydrog ?    ? A DT  8  N3    ? ? ? 1_555 B DA  3  N1 ? ? A DT  8  B DA  3  1_555 ? ? ? ? ? ? WATSON-CRICK ?     ? ? 
hydrog21 hydrog ?    ? A DT  8  O4    ? ? ? 1_555 B DA  3  N6 ? ? A DT  8  B DA  3  1_555 ? ? ? ? ? ? WATSON-CRICK ?     ? ? 
hydrog22 hydrog ?    ? A XUA 9  N1    ? ? ? 1_555 B DT  2  N3 ? ? A XUA 9  B DT  2  1_555 ? ? ? ? ? ? WATSON-CRICK ?     ? ? 
hydrog23 hydrog ?    ? A XUA 9  N6    ? ? ? 1_555 B DT  2  O4 ? ? A XUA 9  B DT  2  1_555 ? ? ? ? ? ? WATSON-CRICK ?     ? ? 
hydrog24 hydrog ?    ? A DC  10 N3    ? ? ? 1_555 B DG  1  N1 ? ? A DC  10 B DG  1  1_555 ? ? ? ? ? ? WATSON-CRICK ?     ? ? 
hydrog25 hydrog ?    ? A DC  10 N4    ? ? ? 1_555 B DG  1  O6 ? ? A DC  10 B DG  1  1_555 ? ? ? ? ? ? WATSON-CRICK ?     ? ? 
hydrog26 hydrog ?    ? A DC  10 O2    ? ? ? 1_555 B DG  1  N2 ? ? A DC  10 B DG  1  1_555 ? ? ? ? ? ? WATSON-CRICK ?     ? ? 
# 
loop_
_struct_conn_type.id 
_struct_conn_type.criteria 
_struct_conn_type.reference 
covale ? ? 
metalc ? ? 
hydrog ? ? 
# 
loop_
_struct_site.id 
_struct_site.pdbx_evidence_code 
_struct_site.pdbx_auth_asym_id 
_struct_site.pdbx_auth_comp_id 
_struct_site.pdbx_auth_seq_id 
_struct_site.pdbx_auth_ins_code 
_struct_site.pdbx_num_residues 
_struct_site.details 
AC1 Software A MG 60 ? 3 'BINDING SITE FOR RESIDUE MG A 60' 
AC2 Software B MG 61 ? 2 'BINDING SITE FOR RESIDUE MG B 61' 
AC3 Software B MG 62 ? 3 'BINDING SITE FOR RESIDUE MG B 62' 
# 
loop_
_struct_site_gen.id 
_struct_site_gen.site_id 
_struct_site_gen.pdbx_num_res 
_struct_site_gen.label_comp_id 
_struct_site_gen.label_asym_id 
_struct_site_gen.label_seq_id 
_struct_site_gen.pdbx_auth_ins_code 
_struct_site_gen.auth_comp_id 
_struct_site_gen.auth_asym_id 
_struct_site_gen.auth_seq_id 
_struct_site_gen.label_atom_id 
_struct_site_gen.label_alt_id 
_struct_site_gen.symmetry 
_struct_site_gen.details 
1 AC1 3 HOH F . ? HOH A 29 . ? 1_555 ? 
2 AC1 3 HOH F . ? HOH A 38 . ? 1_555 ? 
3 AC1 3 HOH F . ? HOH A 45 . ? 1_555 ? 
4 AC2 2 DG  B 1 ? DG  B 1  . ? 1_555 ? 
5 AC2 2 DT  B 2 ? DT  B 2  . ? 1_555 ? 
6 AC3 3 HOH F . ? HOH A 36 . ? 1_555 ? 
7 AC3 3 HOH F . ? HOH A 52 . ? 1_555 ? 
8 AC3 3 HOH G . ? HOH B 15 . ? 1_555 ? 
# 
_atom_sites.entry_id                    3IFF 
_atom_sites.fract_transf_matrix[1][1]   -0.00452187 
_atom_sites.fract_transf_matrix[1][2]   0.02329545 
_atom_sites.fract_transf_matrix[1][3]   -0.01802603 
_atom_sites.fract_transf_matrix[2][1]   -0.01713644 
_atom_sites.fract_transf_matrix[2][2]   0.02267159 
_atom_sites.fract_transf_matrix[2][3]   0.00896557 
_atom_sites.fract_transf_matrix[3][1]   0.01047857 
_atom_sites.fract_transf_matrix[3][2]   0.00592947 
_atom_sites.fract_transf_matrix[3][3]   0.00503423 
_atom_sites.fract_transf_vector[1]      1.430196 
_atom_sites.fract_transf_vector[2]      0.571823 
_atom_sites.fract_transf_vector[3]      -0.077803 
# 
loop_
_atom_type.symbol 
C  
MG 
N  
O  
P  
SE 
# 
loop_
_atom_site.group_PDB 
_atom_site.id 
_atom_site.type_symbol 
_atom_site.label_atom_id 
_atom_site.label_alt_id 
_atom_site.label_comp_id 
_atom_site.label_asym_id 
_atom_site.label_entity_id 
_atom_site.label_seq_id 
_atom_site.pdbx_PDB_ins_code 
_atom_site.Cartn_x 
_atom_site.Cartn_y 
_atom_site.Cartn_z 
_atom_site.occupancy 
_atom_site.B_iso_or_equiv 
_atom_site.pdbx_formal_charge 
_atom_site.auth_seq_id 
_atom_site.auth_comp_id 
_atom_site.auth_asym_id 
_atom_site.auth_atom_id 
_atom_site.pdbx_PDB_model_num 
ATOM   1   O  "O5'"  . DG  A 1 1  ? 2.582   -6.736  10.494  1.00 46.59 ? 1  DG  A "O5'"  1 
ATOM   2   C  "C5'"  . DG  A 1 1  ? 2.111   -6.716  11.836  1.00 44.87 ? 1  DG  A "C5'"  1 
ATOM   3   C  "C4'"  . DG  A 1 1  ? 2.581   -5.435  12.480  1.00 43.15 ? 1  DG  A "C4'"  1 
ATOM   4   O  "O4'"  . DG  A 1 1  ? 4.010   -5.511  12.541  1.00 41.79 ? 1  DG  A "O4'"  1 
ATOM   5   C  "C3'"  . DG  A 1 1  ? 2.319   -4.160  11.711  1.00 44.67 ? 1  DG  A "C3'"  1 
ATOM   6   O  "O3'"  . DG  A 1 1  ? 1.033   -3.693  12.049  1.00 47.17 ? 1  DG  A "O3'"  1 
ATOM   7   C  "C2'"  . DG  A 1 1  ? 3.384   -3.263  12.312  1.00 43.45 ? 1  DG  A "C2'"  1 
ATOM   8   C  "C1'"  . DG  A 1 1  ? 4.549   -4.227  12.414  1.00 41.48 ? 1  DG  A "C1'"  1 
ATOM   9   N  N9     . DG  A 1 1  ? 5.391   -4.252  11.228  1.00 41.77 ? 1  DG  A N9     1 
ATOM   10  C  C8     . DG  A 1 1  ? 5.481   -5.219  10.264  1.00 41.67 ? 1  DG  A C8     1 
ATOM   11  N  N7     . DG  A 1 1  ? 6.345   -4.932  9.329   1.00 42.62 ? 1  DG  A N7     1 
ATOM   12  C  C5     . DG  A 1 1  ? 6.852   -3.705  9.691   1.00 41.32 ? 1  DG  A C5     1 
ATOM   13  C  C6     . DG  A 1 1  ? 7.816   -2.897  9.058   1.00 41.76 ? 1  DG  A C6     1 
ATOM   14  O  O6     . DG  A 1 1  ? 8.437   -3.127  8.024   1.00 41.62 ? 1  DG  A O6     1 
ATOM   15  N  N1     . DG  A 1 1  ? 8.039   -1.721  9.757   1.00 41.65 ? 1  DG  A N1     1 
ATOM   16  C  C2     . DG  A 1 1  ? 7.419   -1.381  10.922  1.00 42.40 ? 1  DG  A C2     1 
ATOM   17  N  N2     . DG  A 1 1  ? 7.760   -0.210  11.475  1.00 42.90 ? 1  DG  A N2     1 
ATOM   18  N  N3     . DG  A 1 1  ? 6.509   -2.136  11.531  1.00 40.60 ? 1  DG  A N3     1 
ATOM   19  C  C4     . DG  A 1 1  ? 6.271   -3.272  10.847  1.00 41.17 ? 1  DG  A C4     1 
ATOM   20  P  P      . DT  A 1 2  ? 0.120   -2.951  10.969  1.00 50.81 ? 2  DT  A P      1 
ATOM   21  O  OP1    . DT  A 1 2  ? -1.243  -2.909  11.558  1.00 51.76 ? 2  DT  A OP1    1 
ATOM   22  O  OP2    . DT  A 1 2  ? 0.328   -3.573  9.633   1.00 49.31 ? 2  DT  A OP2    1 
ATOM   23  O  "O5'"  . DT  A 1 2  ? 0.708   -1.472  10.924  1.00 49.60 ? 2  DT  A "O5'"  1 
ATOM   24  C  "C5'"  . DT  A 1 2  ? 0.577   -0.638  12.055  1.00 50.59 ? 2  DT  A "C5'"  1 
ATOM   25  C  "C4'"  . DT  A 1 2  ? 1.502   0.533   11.869  1.00 52.07 ? 2  DT  A "C4'"  1 
ATOM   26  O  "O4'"  . DT  A 1 2  ? 2.808   -0.035  11.637  1.00 50.83 ? 2  DT  A "O4'"  1 
ATOM   27  C  "C3'"  . DT  A 1 2  ? 1.249   1.370   10.613  1.00 53.50 ? 2  DT  A "C3'"  1 
ATOM   28  O  "O3'"  . DT  A 1 2  ? 0.364   2.430   10.856  1.00 55.74 ? 2  DT  A "O3'"  1 
ATOM   29  C  "C2'"  . DT  A 1 2  ? 2.617   1.960   10.366  1.00 53.09 ? 2  DT  A "C2'"  1 
ATOM   30  C  "C1'"  . DT  A 1 2  ? 3.515   0.794   10.737  1.00 51.29 ? 2  DT  A "C1'"  1 
ATOM   31  N  N1     . DT  A 1 2  ? 4.062   -0.002  9.571   1.00 50.23 ? 2  DT  A N1     1 
ATOM   32  C  C2     . DT  A 1 2  ? 5.166   0.494   8.914   1.00 49.54 ? 2  DT  A C2     1 
ATOM   33  O  O2     . DT  A 1 2  ? 5.683   1.540   9.212   1.00 50.44 ? 2  DT  A O2     1 
ATOM   34  N  N3     . DT  A 1 2  ? 5.659   -0.272  7.902   1.00 47.79 ? 2  DT  A N3     1 
ATOM   35  C  C4     . DT  A 1 2  ? 5.139   -1.479  7.485   1.00 49.88 ? 2  DT  A C4     1 
ATOM   36  O  O4     . DT  A 1 2  ? 5.651   -2.085  6.545   1.00 49.49 ? 2  DT  A O4     1 
ATOM   37  C  C5     . DT  A 1 2  ? 3.971   -1.953  8.220   1.00 47.71 ? 2  DT  A C5     1 
ATOM   38  C  C7     . DT  A 1 2  ? 3.297   -3.243  7.889   1.00 49.56 ? 2  DT  A C7     1 
ATOM   39  C  C6     . DT  A 1 2  ? 3.496   -1.212  9.216   1.00 48.73 ? 2  DT  A C6     1 
ATOM   40  P  P      . DA  A 1 3  ? -0.370  3.085   9.604   1.00 57.97 ? 3  DA  A P      1 
ATOM   41  O  OP1    . DA  A 1 3  ? -1.337  4.037   10.183  1.00 57.71 ? 3  DA  A OP1    1 
ATOM   42  O  OP2    . DA  A 1 3  ? -0.802  1.982   8.700   1.00 57.31 ? 3  DA  A OP2    1 
ATOM   43  O  "O5'"  . DA  A 1 3  ? 0.776   3.889   8.828   1.00 56.96 ? 3  DA  A "O5'"  1 
ATOM   44  C  "C5'"  . DA  A 1 3  ? 1.186   5.163   9.282   1.00 56.43 ? 3  DA  A "C5'"  1 
ATOM   45  C  "C4'"  . DA  A 1 3  ? 2.246   5.676   8.348   1.00 55.95 ? 3  DA  A "C4'"  1 
ATOM   46  O  "O4'"  . DA  A 1 3  ? 3.278   4.668   8.287   1.00 55.73 ? 3  DA  A "O4'"  1 
ATOM   47  C  "C3'"  . DA  A 1 3  ? 1.806   5.813   6.905   1.00 55.53 ? 3  DA  A "C3'"  1 
ATOM   48  O  "O3'"  . DA  A 1 3  ? 1.267   7.069   6.674   1.00 57.12 ? 3  DA  A "O3'"  1 
ATOM   49  C  "C2'"  . DA  A 1 3  ? 3.128   5.709   6.176   1.00 54.27 ? 3  DA  A "C2'"  1 
ATOM   50  C  "C1'"  . DA  A 1 3  ? 3.838   4.650   6.989   1.00 52.38 ? 3  DA  A "C1'"  1 
ATOM   51  N  N9     . DA  A 1 3  ? 3.820   3.295   6.405   1.00 51.74 ? 3  DA  A N9     1 
ATOM   52  C  C8     . DA  A 1 3  ? 2.967   2.242   6.626   1.00 49.32 ? 3  DA  A C8     1 
ATOM   53  N  N7     . DA  A 1 3  ? 3.261   1.169   5.919   1.00 47.38 ? 3  DA  A N7     1 
ATOM   54  C  C5     . DA  A 1 3  ? 4.392   1.551   5.219   1.00 47.49 ? 3  DA  A C5     1 
ATOM   55  C  C6     . DA  A 1 3  ? 5.215   0.876   4.292   1.00 47.76 ? 3  DA  A C6     1 
ATOM   56  N  N6     . DA  A 1 3  ? 5.021   -0.391  3.922   1.00 48.78 ? 3  DA  A N6     1 
ATOM   57  N  N1     . DA  A 1 3  ? 6.246   1.566   3.775   1.00 50.08 ? 3  DA  A N1     1 
ATOM   58  C  C2     . DA  A 1 3  ? 6.462   2.849   4.128   1.00 49.98 ? 3  DA  A C2     1 
ATOM   59  N  N3     . DA  A 1 3  ? 5.751   3.577   4.997   1.00 49.51 ? 3  DA  A N3     1 
ATOM   60  C  C4     . DA  A 1 3  ? 4.738   2.858   5.493   1.00 47.96 ? 3  DA  A C4     1 
ATOM   61  P  P      . DC  A 1 4  ? 0.263   7.291   5.446   1.00 59.82 ? 4  DC  A P      1 
ATOM   62  O  OP1    . DC  A 1 4  ? -0.481  8.517   5.779   1.00 59.07 ? 4  DC  A OP1    1 
ATOM   63  O  OP2    . DC  A 1 4  ? -0.510  6.067   5.101   1.00 59.83 ? 4  DC  A OP2    1 
ATOM   64  O  "O5'"  . DC  A 1 4  ? 1.274   7.581   4.244   1.00 57.77 ? 4  DC  A "O5'"  1 
ATOM   65  C  "C5'"  . DC  A 1 4  ? 2.218   8.620   4.329   1.00 55.90 ? 4  DC  A "C5'"  1 
ATOM   66  C  "C4'"  . DC  A 1 4  ? 3.192   8.442   3.196   1.00 55.27 ? 4  DC  A "C4'"  1 
ATOM   67  O  "O4'"  . DC  A 1 4  ? 3.892   7.239   3.523   1.00 56.98 ? 4  DC  A "O4'"  1 
ATOM   68  C  "C3'"  . DC  A 1 4  ? 2.641   8.115   1.815   1.00 55.99 ? 4  DC  A "C3'"  1 
ATOM   69  O  "O3'"  . DC  A 1 4  ? 2.287   9.265   1.093   1.00 54.37 ? 4  DC  A "O3'"  1 
ATOM   70  C  "C2'"  . DC  A 1 4  ? 3.864   7.495   1.170   1.00 55.05 ? 4  DC  A "C2'"  1 
ATOM   71  C  "C1'"  . DC  A 1 4  ? 4.339   6.642   2.322   1.00 53.22 ? 4  DC  A "C1'"  1 
ATOM   72  N  N1     . DC  A 1 4  ? 3.863   5.235   2.259   1.00 52.22 ? 4  DC  A N1     1 
ATOM   73  C  C2     . DC  A 1 4  ? 4.650   4.341   1.528   1.00 50.05 ? 4  DC  A C2     1 
ATOM   74  O  O2     . DC  A 1 4  ? 5.664   4.781   0.976   1.00 50.74 ? 4  DC  A O2     1 
ATOM   75  N  N3     . DC  A 1 4  ? 4.273   3.044   1.467   1.00 48.74 ? 4  DC  A N3     1 
ATOM   76  C  C4     . DC  A 1 4  ? 3.169   2.631   2.066   1.00 50.38 ? 4  DC  A C4     1 
ATOM   77  N  N4     . DC  A 1 4  ? 2.850   1.345   1.945   1.00 49.80 ? 4  DC  A N4     1 
ATOM   78  C  C5     . DC  A 1 4  ? 2.343   3.526   2.824   1.00 50.38 ? 4  DC  A C5     1 
ATOM   79  C  C6     . DC  A 1 4  ? 2.735   4.806   2.897   1.00 51.54 ? 4  DC  A C6     1 
ATOM   80  P  P      . DG  A 1 5  ? 1.239   9.171   -0.095  1.00 56.47 ? 5  DG  A P      1 
ATOM   81  O  OP1    . DG  A 1 5  ? 0.829   10.566  -0.314  1.00 58.51 ? 5  DG  A OP1    1 
ATOM   82  O  OP2    . DG  A 1 5  ? 0.170   8.175   0.101   1.00 57.79 ? 5  DG  A OP2    1 
ATOM   83  O  "O5'"  . DG  A 1 5  ? 2.135   8.632   -1.316  1.00 55.87 ? 5  DG  A "O5'"  1 
ATOM   84  C  "C5'"  . DG  A 1 5  ? 3.143   9.433   -1.944  1.00 51.57 ? 5  DG  A "C5'"  1 
ATOM   85  C  "C4'"  . DG  A 1 5  ? 3.805   8.643   -3.051  1.00 48.75 ? 5  DG  A "C4'"  1 
ATOM   86  O  "O4'"  . DG  A 1 5  ? 4.376   7.518   -2.383  1.00 47.51 ? 5  DG  A "O4'"  1 
ATOM   87  C  "C3'"  . DG  A 1 5  ? 2.907   7.961   -4.077  1.00 48.68 ? 5  DG  A "C3'"  1 
ATOM   88  O  "O3'"  . DG  A 1 5  ? 2.526   8.813   -5.150  1.00 49.20 ? 5  DG  A "O3'"  1 
ATOM   89  C  "C2'"  . DG  A 1 5  ? 3.836   6.887   -4.601  1.00 46.51 ? 5  DG  A "C2'"  1 
ATOM   90  C  "C1'"  . DG  A 1 5  ? 4.407   6.429   -3.276  1.00 43.42 ? 5  DG  A "C1'"  1 
ATOM   91  N  N9     . DG  A 1 5  ? 3.747   5.302   -2.611  1.00 43.36 ? 5  DG  A N9     1 
ATOM   92  C  C8     . DG  A 1 5  ? 2.941   5.276   -1.496  1.00 41.28 ? 5  DG  A C8     1 
ATOM   93  N  N7     . DG  A 1 5  ? 2.542   4.073   -1.189  1.00 42.77 ? 5  DG  A N7     1 
ATOM   94  C  C5     . DG  A 1 5  ? 3.113   3.266   -2.162  1.00 41.21 ? 5  DG  A C5     1 
ATOM   95  C  C6     . DG  A 1 5  ? 3.061   1.881   -2.361  1.00 40.48 ? 5  DG  A C6     1 
ATOM   96  O  O6     . DG  A 1 5  ? 2.471   1.067   -1.671  1.00 41.98 ? 5  DG  A O6     1 
ATOM   97  N  N1     . DG  A 1 5  ? 3.760   1.485   -3.499  1.00 39.77 ? 5  DG  A N1     1 
ATOM   98  C  C2     . DG  A 1 5  ? 4.452   2.337   -4.305  1.00 40.59 ? 5  DG  A C2     1 
ATOM   99  N  N2     . DG  A 1 5  ? 5.088   1.840   -5.359  1.00 41.31 ? 5  DG  A N2     1 
ATOM   100 N  N3     . DG  A 1 5  ? 4.530   3.637   -4.134  1.00 41.36 ? 5  DG  A N3     1 
ATOM   101 C  C4     . DG  A 1 5  ? 3.842   4.014   -3.038  1.00 42.77 ? 5  DG  A C4     1 
ATOM   102 P  P      . DC  A 1 6  ? 1.115   8.625   -5.846  1.00 49.37 ? 6  DC  A P      1 
ATOM   103 O  OP1    . DC  A 1 6  ? 0.919   9.839   -6.658  1.00 50.85 ? 6  DC  A OP1    1 
ATOM   104 O  OP2    . DC  A 1 6  ? 0.104   8.232   -4.838  1.00 50.08 ? 6  DC  A OP2    1 
ATOM   105 O  "O5'"  . DC  A 1 6  ? 1.294   7.391   -6.829  1.00 47.91 ? 6  DC  A "O5'"  1 
ATOM   106 C  "C5'"  . DC  A 1 6  ? 2.191   7.480   -7.910  1.00 46.26 ? 6  DC  A "C5'"  1 
ATOM   107 C  "C4'"  . DC  A 1 6  ? 2.361   6.105   -8.491  1.00 43.41 ? 6  DC  A "C4'"  1 
ATOM   108 O  "O4'"  . DC  A 1 6  ? 2.813   5.211   -7.473  1.00 44.85 ? 6  DC  A "O4'"  1 
ATOM   109 C  "C3'"  . DC  A 1 6  ? 1.091   5.441   -8.942  1.00 43.58 ? 6  DC  A "C3'"  1 
ATOM   110 O  "O3'"  . DC  A 1 6  ? 0.684   5.962   -10.183 1.00 45.99 ? 6  DC  A "O3'"  1 
ATOM   111 C  "C2'"  . DC  A 1 6  ? 1.585   4.012   -9.070  1.00 41.83 ? 6  DC  A "C2'"  1 
ATOM   112 C  "C1'"  . DC  A 1 6  ? 2.380   3.910   -7.779  1.00 41.92 ? 6  DC  A "C1'"  1 
ATOM   113 N  N1     . DC  A 1 6  ? 1.639   3.405   -6.560  1.00 39.34 ? 6  DC  A N1     1 
ATOM   114 C  C2     . DC  A 1 6  ? 1.410   2.055   -6.412  1.00 39.74 ? 6  DC  A C2     1 
ATOM   115 O  O2     . DC  A 1 6  ? 1.778   1.277   -7.295  1.00 39.63 ? 6  DC  A O2     1 
ATOM   116 N  N3     . DC  A 1 6  ? 0.761   1.630   -5.292  1.00 39.14 ? 6  DC  A N3     1 
ATOM   117 C  C4     . DC  A 1 6  ? 0.352   2.484   -4.354  1.00 40.50 ? 6  DC  A C4     1 
ATOM   118 N  N4     . DC  A 1 6  ? -0.273  1.960   -3.285  1.00 39.08 ? 6  DC  A N4     1 
ATOM   119 C  C5     . DC  A 1 6  ? 0.582   3.890   -4.486  1.00 40.09 ? 6  DC  A C5     1 
ATOM   120 C  C6     . DC  A 1 6  ? 1.230   4.275   -5.584  1.00 39.62 ? 6  DC  A C6     1 
ATOM   121 P  P      . DG  A 1 7  ? -0.846  6.099   -10.575 1.00 46.78 ? 7  DG  A P      1 
ATOM   122 O  OP1    . DG  A 1 7  ? -0.904  6.851   -11.832 1.00 46.48 ? 7  DG  A OP1    1 
ATOM   123 O  OP2    . DG  A 1 7  ? -1.604  6.551   -9.403  1.00 45.38 ? 7  DG  A OP2    1 
ATOM   124 O  "O5'"  . DG  A 1 7  ? -1.212  4.569   -10.865 1.00 46.85 ? 7  DG  A "O5'"  1 
ATOM   125 C  "C5'"  . DG  A 1 7  ? -2.379  3.965   -10.375 1.00 45.66 ? 7  DG  A "C5'"  1 
ATOM   126 C  "C4'"  . DG  A 1 7  ? -2.228  2.480   -10.587 1.00 45.29 ? 7  DG  A "C4'"  1 
ATOM   127 O  "O4'"  . DG  A 1 7  ? -1.282  1.952   -9.613  1.00 44.43 ? 7  DG  A "O4'"  1 
ATOM   128 C  "C3'"  . DG  A 1 7  ? -3.508  1.727   -10.337 1.00 45.80 ? 7  DG  A "C3'"  1 
ATOM   129 O  "O3'"  . DG  A 1 7  ? -4.247  1.682   -11.534 1.00 46.49 ? 7  DG  A "O3'"  1 
ATOM   130 C  "C2'"  . DG  A 1 7  ? -2.991  0.358   -9.932  1.00 43.98 ? 7  DG  A "C2'"  1 
ATOM   131 C  "C1'"  . DG  A 1 7  ? -1.820  0.773   -9.039  1.00 41.65 ? 7  DG  A "C1'"  1 
ATOM   132 N  N9     . DG  A 1 7  ? -2.151  0.974   -7.628  1.00 39.95 ? 7  DG  A N9     1 
ATOM   133 C  C8     . DG  A 1 7  ? -2.216  2.161   -6.933  1.00 39.13 ? 7  DG  A C8     1 
ATOM   134 N  N7     . DG  A 1 7  ? -2.538  1.996   -5.685  1.00 38.97 ? 7  DG  A N7     1 
ATOM   135 C  C5     . DG  A 1 7  ? -2.715  0.630   -5.544  1.00 37.46 ? 7  DG  A C5     1 
ATOM   136 C  C6     . DG  A 1 7  ? -3.076  -0.126  -4.404  1.00 37.93 ? 7  DG  A C6     1 
ATOM   137 O  O6     . DG  A 1 7  ? -3.327  0.272   -3.265  1.00 40.62 ? 7  DG  A O6     1 
ATOM   138 N  N1     . DG  A 1 7  ? -3.171  -1.472  -4.674  1.00 37.93 ? 7  DG  A N1     1 
ATOM   139 C  C2     . DG  A 1 7  ? -2.925  -2.030  -5.901  1.00 38.75 ? 7  DG  A C2     1 
ATOM   140 N  N2     . DG  A 1 7  ? -3.052  -3.363  -5.991  1.00 39.26 ? 7  DG  A N2     1 
ATOM   141 N  N3     . DG  A 1 7  ? -2.567  -1.347  -6.979  1.00 39.39 ? 7  DG  A N3     1 
ATOM   142 C  C4     . DG  A 1 7  ? -2.495  -0.013  -6.722  1.00 38.90 ? 7  DG  A C4     1 
ATOM   143 P  P      . DT  A 1 8  ? -5.828  1.871   -11.500 1.00 47.30 ? 8  DT  A P      1 
ATOM   144 O  OP1    . DT  A 1 8  ? -6.267  1.801   -12.886 1.00 47.91 ? 8  DT  A OP1    1 
ATOM   145 O  OP2    . DT  A 1 8  ? -6.255  2.959   -10.592 1.00 48.92 ? 8  DT  A OP2    1 
ATOM   146 O  "O5'"  . DT  A 1 8  ? -6.342  0.540   -10.805 1.00 46.76 ? 8  DT  A "O5'"  1 
ATOM   147 C  "C5'"  . DT  A 1 8  ? -6.303  -0.683  -11.526 1.00 43.97 ? 8  DT  A "C5'"  1 
ATOM   148 C  "C4'"  . DT  A 1 8  ? -6.572  -1.787  -10.542 1.00 42.11 ? 8  DT  A "C4'"  1 
ATOM   149 O  "O4'"  . DT  A 1 8  ? -5.662  -1.669  -9.422  1.00 42.19 ? 8  DT  A "O4'"  1 
ATOM   150 C  "C3'"  . DT  A 1 8  ? -7.908  -1.624  -9.848  1.00 43.75 ? 8  DT  A "C3'"  1 
ATOM   151 O  "O3'"  . DT  A 1 8  ? -8.932  -1.994  -10.745 1.00 45.14 ? 8  DT  A "O3'"  1 
ATOM   152 C  "C2'"  . DT  A 1 8  ? -7.703  -2.602  -8.711  1.00 42.56 ? 8  DT  A "C2'"  1 
ATOM   153 C  "C1'"  . DT  A 1 8  ? -6.297  -2.232  -8.286  1.00 42.73 ? 8  DT  A "C1'"  1 
ATOM   154 N  N1     . DT  A 1 8  ? -6.298  -1.267  -7.189  1.00 43.27 ? 8  DT  A N1     1 
ATOM   155 C  C2     . DT  A 1 8  ? -6.506  -1.746  -5.889  1.00 42.74 ? 8  DT  A C2     1 
ATOM   156 O  O2     . DT  A 1 8  ? -6.693  -2.910  -5.566  1.00 43.06 ? 8  DT  A O2     1 
ATOM   157 N  N3     . DT  A 1 8  ? -6.468  -0.786  -4.942  1.00 41.85 ? 8  DT  A N3     1 
ATOM   158 C  C4     . DT  A 1 8  ? -6.267  0.557   -5.147  1.00 41.51 ? 8  DT  A C4     1 
ATOM   159 O  O4     . DT  A 1 8  ? -6.277  1.298   -4.185  1.00 42.83 ? 8  DT  A O4     1 
ATOM   160 C  C5     . DT  A 1 8  ? -6.060  1.004   -6.503  1.00 41.44 ? 8  DT  A C5     1 
ATOM   161 C  C7     . DT  A 1 8  ? -5.827  2.454   -6.822  1.00 41.87 ? 8  DT  A C7     1 
ATOM   162 C  C6     . DT  A 1 8  ? -6.087  0.079   -7.474  1.00 41.80 ? 8  DT  A C6     1 
HETATM 163 P  P      . XUA A 1 9  ? -10.462 -1.790  -10.396 1.00 47.12 ? 9  XUA A P      1 
HETATM 164 N  N1     . XUA A 1 9  ? -9.825  -0.895  -1.820  1.00 44.76 ? 9  XUA A N1     1 
HETATM 165 C  C2     . XUA A 1 9  ? -10.203 -2.188  -1.837  1.00 43.19 ? 9  XUA A C2     1 
HETATM 166 N  N3     . XUA A 1 9  ? -10.446 -2.930  -2.913  1.00 43.19 ? 9  XUA A N3     1 
HETATM 167 C  C4     . XUA A 1 9  ? -10.270 -2.244  -4.068  1.00 42.00 ? 9  XUA A C4     1 
HETATM 168 C  C5     . XUA A 1 9  ? -9.899  -0.924  -4.206  1.00 42.21 ? 9  XUA A C5     1 
HETATM 169 C  C6     . XUA A 1 9  ? -9.665  -0.227  -2.991  1.00 43.82 ? 9  XUA A C6     1 
HETATM 170 N  N6     . XUA A 1 9  ? -9.299  1.061   -2.928  1.00 43.66 ? 9  XUA A N6     1 
HETATM 171 N  N7     . XUA A 1 9  ? -9.861  -0.556  -5.545  1.00 40.08 ? 9  XUA A N7     1 
HETATM 172 C  C8     . XUA A 1 9  ? -10.183 -1.653  -6.173  1.00 41.14 ? 9  XUA A C8     1 
HETATM 173 N  N9     . XUA A 1 9  ? -10.458 -2.699  -5.344  1.00 42.83 ? 9  XUA A N9     1 
HETATM 174 C  "C1'"  . XUA A 1 9  ? -10.811 -4.076  -5.715  1.00 45.45 ? 9  XUA A "C1'"  1 
HETATM 175 O  OP1    . XUA A 1 9  ? -11.155 -2.280  -11.586 1.00 49.19 ? 9  XUA A OP1    1 
HETATM 176 C  "C2'"  . XUA A 1 9  ? -12.289 -4.368  -5.809  1.00 48.31 ? 9  XUA A "C2'"  1 
HETATM 177 SE "SE2'" . XUA A 1 9  ? -12.749 -6.219  -5.302  0.70 53.76 ? 9  XUA A "SE2'" 1 
HETATM 178 O  OP2    . XUA A 1 9  ? -10.628 -0.400  -9.904  1.00 46.87 ? 9  XUA A OP2    1 
HETATM 179 C  "C3'"  . XUA A 1 9  ? -12.522 -4.133  -7.303  1.00 47.36 ? 9  XUA A "C3'"  1 
HETATM 180 O  "O3'"  . XUA A 1 9  ? -13.743 -4.715  -7.745  1.00 48.27 ? 9  XUA A "O3'"  1 
HETATM 181 C  "C4'"  . XUA A 1 9  ? -11.264 -4.723  -7.919  1.00 48.16 ? 9  XUA A "C4'"  1 
HETATM 182 O  "O4'"  . XUA A 1 9  ? -10.228 -4.361  -6.986  1.00 46.68 ? 9  XUA A "O4'"  1 
HETATM 183 C  "C5'"  . XUA A 1 9  ? -10.861 -4.176  -9.272  1.00 48.40 ? 9  XUA A "C5'"  1 
HETATM 184 O  "O5'"  . XUA A 1 9  ? -10.773 -2.769  -9.165  1.00 48.35 ? 9  XUA A "O5'"  1 
HETATM 185 C  "CA'"  . XUA A 1 9  ? -11.955 -6.313  -3.521  0.70 50.80 ? 9  XUA A "CA'"  1 
ATOM   186 P  P      . DC  A 1 10 ? -14.989 -3.765  -8.113  1.00 52.71 ? 10 DC  A P      1 
ATOM   187 O  OP1    . DC  A 1 10 ? -15.900 -4.558  -8.944  1.00 55.16 ? 10 DC  A OP1    1 
ATOM   188 O  OP2    . DC  A 1 10 ? -14.526 -2.469  -8.644  1.00 54.22 ? 10 DC  A OP2    1 
ATOM   189 O  "O5'"  . DC  A 1 10 ? -15.738 -3.449  -6.755  1.00 48.45 ? 10 DC  A "O5'"  1 
ATOM   190 C  "C5'"  . DC  A 1 10 ? -16.272 -4.507  -5.980  1.00 49.03 ? 10 DC  A "C5'"  1 
ATOM   191 C  "C4'"  . DC  A 1 10 ? -16.343 -4.168  -4.505  1.00 47.55 ? 10 DC  A "C4'"  1 
ATOM   192 O  "O4'"  . DC  A 1 10 ? -14.987 -3.946  -4.015  1.00 48.85 ? 10 DC  A "O4'"  1 
ATOM   193 C  "C3'"  . DC  A 1 10 ? -17.059 -2.877  -4.189  1.00 47.31 ? 10 DC  A "C3'"  1 
ATOM   194 O  "O3'"  . DC  A 1 10 ? -18.468 -3.031  -4.313  1.00 47.62 ? 10 DC  A "O3'"  1 
ATOM   195 C  "C2'"  . DC  A 1 10 ? -16.541 -2.702  -2.761  1.00 46.92 ? 10 DC  A "C2'"  1 
ATOM   196 C  "C1'"  . DC  A 1 10 ? -15.046 -3.031  -2.940  1.00 44.41 ? 10 DC  A "C1'"  1 
ATOM   197 N  N1     . DC  A 1 10 ? -14.237 -1.779  -3.195  1.00 42.33 ? 10 DC  A N1     1 
ATOM   198 C  C2     . DC  A 1 10 ? -13.739 -1.059  -2.092  1.00 41.82 ? 10 DC  A C2     1 
ATOM   199 O  O2     . DC  A 1 10 ? -13.931 -1.482  -0.938  1.00 43.21 ? 10 DC  A O2     1 
ATOM   200 N  N3     . DC  A 1 10 ? -13.041 0.075   -2.313  1.00 39.10 ? 10 DC  A N3     1 
ATOM   201 C  C4     . DC  A 1 10 ? -12.869 0.516   -3.548  1.00 39.61 ? 10 DC  A C4     1 
ATOM   202 N  N4     . DC  A 1 10 ? -12.205 1.644   -3.717  1.00 40.57 ? 10 DC  A N4     1 
ATOM   203 C  C5     . DC  A 1 10 ? -13.362 -0.181  -4.681  1.00 39.91 ? 10 DC  A C5     1 
ATOM   204 C  C6     . DC  A 1 10 ? -14.046 -1.306  -4.459  1.00 41.40 ? 10 DC  A C6     1 
ATOM   205 O  "O5'"  . DG  B 1 1  ? -9.570  6.154   5.143   1.00 46.34 ? 1  DG  B "O5'"  1 
ATOM   206 C  "C5'"  . DG  B 1 1  ? -10.406 6.180   6.257   1.00 44.76 ? 1  DG  B "C5'"  1 
ATOM   207 C  "C4'"  . DG  B 1 1  ? -11.177 4.894   6.281   1.00 42.80 ? 1  DG  B "C4'"  1 
ATOM   208 O  "O4'"  . DG  B 1 1  ? -12.140 5.036   5.244   1.00 41.76 ? 1  DG  B "O4'"  1 
ATOM   209 C  "C3'"  . DG  B 1 1  ? -10.432 3.636   5.923   1.00 44.82 ? 1  DG  B "C3'"  1 
ATOM   210 O  "O3'"  . DG  B 1 1  ? -9.865  3.158   7.109   1.00 47.64 ? 1  DG  B "O3'"  1 
ATOM   211 C  "C2'"  . DG  B 1 1  ? -11.594 2.771   5.477   1.00 43.18 ? 1  DG  B "C2'"  1 
ATOM   212 C  "C1'"  . DG  B 1 1  ? -12.393 3.785   4.685   1.00 41.25 ? 1  DG  B "C1'"  1 
ATOM   213 N  N9     . DG  B 1 1  ? -12.021 3.885   3.295   1.00 41.57 ? 1  DG  B N9     1 
ATOM   214 C  C8     . DG  B 1 1  ? -11.360 4.897   2.657   1.00 41.29 ? 1  DG  B C8     1 
ATOM   215 N  N7     . DG  B 1 1  ? -11.174 4.668   1.388   1.00 42.69 ? 1  DG  B N7     1 
ATOM   216 C  C5     . DG  B 1 1  ? -11.743 3.424   1.168   1.00 41.42 ? 1  DG  B C5     1 
ATOM   217 C  C6     . DG  B 1 1  ? -11.859 2.657   -0.018  1.00 41.91 ? 1  DG  B C6     1 
ATOM   218 O  O6     . DG  B 1 1  ? -11.480 2.922   -1.164  1.00 41.98 ? 1  DG  B O6     1 
ATOM   219 N  N1     . DG  B 1 1  ? -12.504 1.453   0.225   1.00 41.76 ? 1  DG  B N1     1 
ATOM   220 C  C2     . DG  B 1 1  ? -12.997 1.066   1.437   1.00 42.26 ? 1  DG  B C2     1 
ATOM   221 N  N2     . DG  B 1 1  ? -13.612 -0.123  1.482   1.00 42.82 ? 1  DG  B N2     1 
ATOM   222 N  N3     . DG  B 1 1  ? -12.910 1.779   2.560   1.00 40.24 ? 1  DG  B N3     1 
ATOM   223 C  C4     . DG  B 1 1  ? -12.255 2.931   2.340   1.00 40.61 ? 1  DG  B C4     1 
ATOM   224 P  P      . DT  B 1 2  ? -8.523  2.296   7.108   1.00 49.94 ? 2  DT  B P      1 
ATOM   225 O  OP1    . DT  B 1 2  ? -8.159  2.135   8.530   1.00 52.27 ? 2  DT  B OP1    1 
ATOM   226 O  OP2    . DT  B 1 2  ? -7.538  2.896   6.191   1.00 50.27 ? 2  DT  B OP2    1 
ATOM   227 O  "O5'"  . DT  B 1 2  ? -8.912  0.866   6.543   1.00 49.55 ? 2  DT  B "O5'"  1 
ATOM   228 C  "C5'"  . DT  B 1 2  ? -9.518  -0.098  7.382   1.00 50.74 ? 2  DT  B "C5'"  1 
ATOM   229 C  "C4'"  . DT  B 1 2  ? -10.014 -1.153  6.441   1.00 52.35 ? 2  DT  B "C4'"  1 
ATOM   230 O  "O4'"  . DT  B 1 2  ? -10.549 -0.407  5.334   1.00 51.67 ? 2  DT  B "O4'"  1 
ATOM   231 C  "C3'"  . DT  B 1 2  ? -8.925  -1.955  5.738   1.00 53.82 ? 2  DT  B "C3'"  1 
ATOM   232 O  "O3'"  . DT  B 1 2  ? -8.474  -3.046  6.515   1.00 56.45 ? 2  DT  B "O3'"  1 
ATOM   233 C  "C2'"  . DT  B 1 2  ? -9.685  -2.448  4.528   1.00 52.42 ? 2  DT  B "C2'"  1 
ATOM   234 C  "C1'"  . DT  B 1 2  ? -10.401 -1.169  4.154   1.00 50.73 ? 2  DT  B "C1'"  1 
ATOM   235 N  N1     . DT  B 1 2  ? -9.834  -0.317  3.046   1.00 50.21 ? 2  DT  B N1     1 
ATOM   236 C  C2     . DT  B 1 2  ? -10.033 -0.757  1.763   1.00 49.41 ? 2  DT  B C2     1 
ATOM   237 O  O2     . DT  B 1 2  ? -10.594 -1.800  1.519   1.00 51.00 ? 2  DT  B O2     1 
ATOM   238 N  N3     . DT  B 1 2  ? -9.569  0.053   0.777   1.00 47.31 ? 2  DT  B N3     1 
ATOM   239 C  C4     . DT  B 1 2  ? -8.927  1.257   0.955   1.00 49.66 ? 2  DT  B C4     1 
ATOM   240 O  O4     . DT  B 1 2  ? -8.531  1.909   -0.013  1.00 50.02 ? 2  DT  B O4     1 
ATOM   241 C  C5     . DT  B 1 2  ? -8.748  1.675   2.334   1.00 47.51 ? 2  DT  B C5     1 
ATOM   242 C  C7     . DT  B 1 2  ? -8.059  2.956   2.665   1.00 48.54 ? 2  DT  B C7     1 
ATOM   243 C  C6     . DT  B 1 2  ? -9.209  0.887   3.303   1.00 48.31 ? 2  DT  B C6     1 
ATOM   244 P  P      . DA  B 1 3  ? -6.993  -3.591  6.285   1.00 58.55 ? 3  DA  B P      1 
ATOM   245 O  OP1    . DA  B 1 3  ? -6.787  -4.530  7.406   1.00 57.96 ? 3  DA  B OP1    1 
ATOM   246 O  OP2    . DA  B 1 3  ? -6.087  -2.422  6.078   1.00 58.51 ? 3  DA  B OP2    1 
ATOM   247 O  "O5'"  . DA  B 1 3  ? -7.043  -4.364  4.884   1.00 56.79 ? 3  DA  B "O5'"  1 
ATOM   248 C  "C5'"  . DA  B 1 3  ? -7.906  -5.467  4.715   1.00 56.40 ? 3  DA  B "C5'"  1 
ATOM   249 C  "C4'"  . DA  B 1 3  ? -7.753  -6.012  3.317   1.00 56.21 ? 3  DA  B "C4'"  1 
ATOM   250 O  "O4'"  . DA  B 1 3  ? -8.465  -5.143  2.401   1.00 54.70 ? 3  DA  B "O4'"  1 
ATOM   251 C  "C3'"  . DA  B 1 3  ? -6.322  -6.028  2.809   1.00 55.34 ? 3  DA  B "C3'"  1 
ATOM   252 O  "O3'"  . DA  B 1 3  ? -5.676  -7.212  3.175   1.00 57.25 ? 3  DA  B "O3'"  1 
ATOM   253 C  "C2'"  . DA  B 1 3  ? -6.563  -6.005  1.320   1.00 54.10 ? 3  DA  B "C2'"  1 
ATOM   254 C  "C1'"  . DA  B 1 3  ? -7.688  -4.990  1.230   1.00 53.07 ? 3  DA  B "C1'"  1 
ATOM   255 N  N9     . DA  B 1 3  ? -7.244  -3.601  1.015   1.00 52.63 ? 3  DA  B N9     1 
ATOM   256 C  C8     . DA  B 1 3  ? -6.867  -2.619  1.897   1.00 50.50 ? 3  DA  B C8     1 
ATOM   257 N  N7     . DA  B 1 3  ? -6.521  -1.492  1.304   1.00 49.46 ? 3  DA  B N7     1 
ATOM   258 C  C5     . DA  B 1 3  ? -6.702  -1.761  -0.042  1.00 49.45 ? 3  DA  B C5     1 
ATOM   259 C  C6     . DA  B 1 3  ? -6.519  -0.998  -1.224  1.00 49.50 ? 3  DA  B C6     1 
ATOM   260 N  N6     . DA  B 1 3  ? -6.122  0.283   -1.251  1.00 49.45 ? 3  DA  B N6     1 
ATOM   261 N  N1     . DA  B 1 3  ? -6.773  -1.615  -2.393  1.00 50.64 ? 3  DA  B N1     1 
ATOM   262 C  C2     . DA  B 1 3  ? -7.173  -2.900  -2.420  1.00 51.00 ? 3  DA  B C2     1 
ATOM   263 N  N3     . DA  B 1 3  ? -7.393  -3.707  -1.375  1.00 50.74 ? 3  DA  B N3     1 
ATOM   264 C  C4     . DA  B 1 3  ? -7.124  -3.063  -0.230  1.00 49.98 ? 3  DA  B C4     1 
ATOM   265 P  P      . DC  B 1 4  ? -4.082  -7.320  3.190   1.00 58.17 ? 4  DC  B P      1 
ATOM   266 O  OP1    . DC  B 1 4  ? -3.833  -8.494  4.035   1.00 58.44 ? 4  DC  B OP1    1 
ATOM   267 O  OP2    . DC  B 1 4  ? -3.388  -6.046  3.511   1.00 58.22 ? 4  DC  B OP2    1 
ATOM   268 O  "O5'"  . DC  B 1 4  ? -3.726  -7.614  1.667   1.00 57.79 ? 4  DC  B "O5'"  1 
ATOM   269 C  "C5'"  . DC  B 1 4  ? -4.201  -8.766  1.023   1.00 57.36 ? 4  DC  B "C5'"  1 
ATOM   270 C  "C4'"  . DC  B 1 4  ? -4.144  -8.530  -0.463  1.00 56.09 ? 4  DC  B "C4'"  1 
ATOM   271 O  "O4'"  . DC  B 1 4  ? -4.900  -7.333  -0.727  1.00 56.73 ? 4  DC  B "O4'"  1 
ATOM   272 C  "C3'"  . DC  B 1 4  ? -2.776  -8.206  -1.042  1.00 56.62 ? 4  DC  B "C3'"  1 
ATOM   273 O  "O3'"  . DC  B 1 4  ? -1.997  -9.352  -1.310  1.00 55.27 ? 4  DC  B "O3'"  1 
ATOM   274 C  "C2'"  . DC  B 1 4  ? -3.192  -7.561  -2.349  1.00 55.14 ? 4  DC  B "C2'"  1 
ATOM   275 C  "C1'"  . DC  B 1 4  ? -4.358  -6.713  -1.877  1.00 53.38 ? 4  DC  B "C1'"  1 
ATOM   276 N  N1     . DC  B 1 4  ? -4.011  -5.282  -1.586  1.00 52.01 ? 4  DC  B N1     1 
ATOM   277 C  C2     . DC  B 1 4  ? -3.939  -4.395  -2.679  1.00 49.61 ? 4  DC  B C2     1 
ATOM   278 O  O2     . DC  B 1 4  ? -4.148  -4.810  -3.827  1.00 49.90 ? 4  DC  B O2     1 
ATOM   279 N  N3     . DC  B 1 4  ? -3.648  -3.105  -2.436  1.00 48.44 ? 4  DC  B N3     1 
ATOM   280 C  C4     . DC  B 1 4  ? -3.428  -2.680  -1.204  1.00 50.17 ? 4  DC  B C4     1 
ATOM   281 N  N4     . DC  B 1 4  ? -3.150  -1.387  -1.063  1.00 50.20 ? 4  DC  B N4     1 
ATOM   282 C  C5     . DC  B 1 4  ? -3.495  -3.553  -0.071  1.00 50.57 ? 4  DC  B C5     1 
ATOM   283 C  C6     . DC  B 1 4  ? -3.789  -4.837  -0.313  1.00 50.84 ? 4  DC  B C6     1 
ATOM   284 P  P      . DG  B 1 5  ? -0.417  -9.184  -1.352  1.00 57.69 ? 5  DG  B P      1 
ATOM   285 O  OP1    . DG  B 1 5  ? 0.125   -10.550 -1.378  1.00 59.85 ? 5  DG  B OP1    1 
ATOM   286 O  OP2    . DG  B 1 5  ? 0.064   -8.248  -0.321  1.00 58.07 ? 5  DG  B OP2    1 
ATOM   287 O  "O5'"  . DG  B 1 5  ? -0.135  -8.507  -2.772  1.00 57.05 ? 5  DG  B "O5'"  1 
ATOM   288 C  "C5'"  . DG  B 1 5  ? -0.167  -9.271  -3.965  1.00 52.38 ? 5  DG  B "C5'"  1 
ATOM   289 C  "C4'"  . DG  B 1 5  ? 0.267   -8.400  -5.124  1.00 49.51 ? 5  DG  B "C4'"  1 
ATOM   290 O  "O4'"  . DG  B 1 5  ? -0.652  -7.309  -5.101  1.00 48.19 ? 5  DG  B "O4'"  1 
ATOM   291 C  "C3'"  . DG  B 1 5  ? 1.616   -7.685  -5.064  1.00 48.69 ? 5  DG  B "C3'"  1 
ATOM   292 O  "O3'"  . DG  B 1 5  ? 2.690   -8.499  -5.490  1.00 48.14 ? 5  DG  B "O3'"  1 
ATOM   293 C  "C2'"  . DG  B 1 5  ? 1.377   -6.591  -6.079  1.00 46.38 ? 5  DG  B "C2'"  1 
ATOM   294 C  "C1'"  . DG  B 1 5  ? -0.035  -6.191  -5.684  1.00 44.14 ? 5  DG  B "C1'"  1 
ATOM   295 N  N9     . DG  B 1 5  ? -0.160  -5.117  -4.709  1.00 43.88 ? 5  DG  B N9     1 
ATOM   296 C  C8     . DG  B 1 5  ? -0.487  -5.169  -3.375  1.00 41.15 ? 5  DG  B C8     1 
ATOM   297 N  N7     . DG  B 1 5  ? -0.488  -3.996  -2.820  1.00 41.94 ? 5  DG  B N7     1 
ATOM   298 C  C5     . DG  B 1 5  ? -0.136  -3.130  -3.848  1.00 40.92 ? 5  DG  B C5     1 
ATOM   299 C  C6     . DG  B 1 5  ? 0.024   -1.738  -3.881  1.00 40.79 ? 5  DG  B C6     1 
ATOM   300 O  O6     . DG  B 1 5  ? -0.135  -0.937  -2.958  1.00 42.68 ? 5  DG  B O6     1 
ATOM   301 N  N1     . DG  B 1 5  ? 0.404   -1.294  -5.150  1.00 41.17 ? 5  DG  B N1     1 
ATOM   302 C  C2     . DG  B 1 5  ? 0.601   -2.092  -6.241  1.00 41.56 ? 5  DG  B C2     1 
ATOM   303 N  N2     . DG  B 1 5  ? 0.975   -1.521  -7.390  1.00 41.81 ? 5  DG  B N2     1 
ATOM   304 N  N3     . DG  B 1 5  ? 0.449   -3.398  -6.233  1.00 42.60 ? 5  DG  B N3     1 
ATOM   305 C  C4     . DG  B 1 5  ? 0.068   -3.821  -5.010  1.00 43.11 ? 5  DG  B C4     1 
ATOM   306 P  P      . DC  B 1 6  ? 4.134   -8.326  -4.848  1.00 50.12 ? 6  DC  B P      1 
ATOM   307 O  OP1    . DC  B 1 6  ? 4.882   -9.501  -5.298  1.00 52.02 ? 6  DC  B OP1    1 
ATOM   308 O  OP2    . DC  B 1 6  ? 4.027   -7.998  -3.400  1.00 51.67 ? 6  DC  B OP2    1 
ATOM   309 O  "O5'"  . DC  B 1 6  ? 4.759   -7.062  -5.565  1.00 48.24 ? 6  DC  B "O5'"  1 
ATOM   310 C  "C5'"  . DC  B 1 6  ? 4.969   -7.122  -6.945  1.00 46.86 ? 6  DC  B "C5'"  1 
ATOM   311 C  "C4'"  . DC  B 1 6  ? 5.261   -5.721  -7.394  1.00 43.98 ? 6  DC  B "C4'"  1 
ATOM   312 O  "O4'"  . DC  B 1 6  ? 4.139   -4.882  -7.102  1.00 44.77 ? 6  DC  B "O4'"  1 
ATOM   313 C  "C3'"  . DC  B 1 6  ? 6.382   -5.062  -6.644  1.00 44.66 ? 6  DC  B "C3'"  1 
ATOM   314 O  "O3'"  . DC  B 1 6  ? 7.614   -5.582  -7.106  1.00 46.05 ? 6  DC  B "O3'"  1 
ATOM   315 C  "C2'"  . DC  B 1 6  ? 6.125   -3.646  -7.099  1.00 43.07 ? 6  DC  B "C2'"  1 
ATOM   316 C  "C1'"  . DC  B 1 6  ? 4.619   -3.589  -6.865  1.00 43.29 ? 6  DC  B "C1'"  1 
ATOM   317 N  N1     . DC  B 1 6  ? 4.134   -3.156  -5.489  1.00 41.67 ? 6  DC  B N1     1 
ATOM   318 C  C2     . DC  B 1 6  ? 4.147   -1.803  -5.200  1.00 41.60 ? 6  DC  B C2     1 
ATOM   319 O  O2     . DC  B 1 6  ? 4.583   -1.045  -6.071  1.00 40.24 ? 6  DC  B O2     1 
ATOM   320 N  N3     . DC  B 1 6  ? 3.692   -1.380  -3.982  1.00 39.76 ? 6  DC  B N3     1 
ATOM   321 C  C4     . DC  B 1 6  ? 3.254   -2.268  -3.083  1.00 41.09 ? 6  DC  B C4     1 
ATOM   322 N  N4     . DC  B 1 6  ? 2.820   -1.786  -1.909  1.00 41.76 ? 6  DC  B N4     1 
ATOM   323 C  C5     . DC  B 1 6  ? 3.225   -3.671  -3.349  1.00 41.21 ? 6  DC  B C5     1 
ATOM   324 C  C6     . DC  B 1 6  ? 3.659   -4.048  -4.556  1.00 41.12 ? 6  DC  B C6     1 
ATOM   325 P  P      . DG  B 1 7  ? 8.932   -5.626  -6.203  1.00 46.60 ? 7  DG  B P      1 
ATOM   326 O  OP1    . DG  B 1 7  ? 10.005  -6.279  -6.967  1.00 46.65 ? 7  DG  B OP1    1 
ATOM   327 O  OP2    . DG  B 1 7  ? 8.634   -6.101  -4.846  1.00 48.71 ? 7  DG  B OP2    1 
ATOM   328 O  "O5'"  . DG  B 1 7  ? 9.259   -4.077  -6.123  1.00 47.13 ? 7  DG  B "O5'"  1 
ATOM   329 C  "C5'"  . DG  B 1 7  ? 9.730   -3.564  -4.924  1.00 46.74 ? 7  DG  B "C5'"  1 
ATOM   330 C  "C4'"  . DG  B 1 7  ? 9.723   -2.068  -5.066  1.00 46.67 ? 7  DG  B "C4'"  1 
ATOM   331 O  "O4'"  . DG  B 1 7  ? 8.351   -1.594  -5.161  1.00 46.29 ? 7  DG  B "O4'"  1 
ATOM   332 C  "C3'"  . DG  B 1 7  ? 10.331  -1.406  -3.855  1.00 47.94 ? 7  DG  B "C3'"  1 
ATOM   333 O  "O3'"  . DG  B 1 7  ? 11.733  -1.372  -4.062  1.00 48.35 ? 7  DG  B "O3'"  1 
ATOM   334 C  "C2'"  . DG  B 1 7  ? 9.666   -0.039  -3.943  1.00 46.30 ? 7  DG  B "C2'"  1 
ATOM   335 C  "C1'"  . DG  B 1 7  ? 8.236   -0.447  -4.335  1.00 43.48 ? 7  DG  B "C1'"  1 
ATOM   336 N  N9     . DG  B 1 7  ? 7.377   -0.718  -3.186  1.00 41.98 ? 7  DG  B N9     1 
ATOM   337 C  C8     . DG  B 1 7  ? 6.897   -1.928  -2.743  1.00 40.41 ? 7  DG  B C8     1 
ATOM   338 N  N7     . DG  B 1 7  ? 6.164   -1.823  -1.675  1.00 40.73 ? 7  DG  B N7     1 
ATOM   339 C  C5     . DG  B 1 7  ? 6.161   -0.473  -1.395  1.00 40.14 ? 7  DG  B C5     1 
ATOM   340 C  C6     . DG  B 1 7  ? 5.517   0.226   -0.343  1.00 40.49 ? 7  DG  B C6     1 
ATOM   341 O  O6     . DG  B 1 7  ? 4.814   -0.226  0.567   1.00 42.91 ? 7  DG  B O6     1 
ATOM   342 N  N1     . DG  B 1 7  ? 5.769   1.585   -0.399  1.00 39.58 ? 7  DG  B N1     1 
ATOM   343 C  C2     . DG  B 1 7  ? 6.533   2.193   -1.358  1.00 40.12 ? 7  DG  B C2     1 
ATOM   344 N  N2     . DG  B 1 7  ? 6.657   3.517   -1.234  1.00 40.65 ? 7  DG  B N2     1 
ATOM   345 N  N3     . DG  B 1 7  ? 7.148   1.563   -2.354  1.00 40.63 ? 7  DG  B N3     1 
ATOM   346 C  C4     . DG  B 1 7  ? 6.910   0.222   -2.298  1.00 40.83 ? 7  DG  B C4     1 
ATOM   347 P  P      . DT  B 1 8  ? 12.723  -1.531  -2.829  1.00 49.55 ? 8  DT  B P      1 
ATOM   348 O  OP1    . DT  B 1 8  ? 14.062  -1.365  -3.383  1.00 49.36 ? 8  DT  B OP1    1 
ATOM   349 O  OP2    . DT  B 1 8  ? 12.370  -2.675  -1.936  1.00 50.22 ? 8  DT  B OP2    1 
ATOM   350 O  "O5'"  . DT  B 1 8  ? 12.426  -0.217  -1.984  1.00 48.88 ? 8  DT  B "O5'"  1 
ATOM   351 C  "C5'"  . DT  B 1 8  ? 12.944  1.021   -2.457  1.00 47.04 ? 8  DT  B "C5'"  1 
ATOM   352 C  "C4'"  . DT  B 1 8  ? 12.398  2.111   -1.576  1.00 46.13 ? 8  DT  B "C4'"  1 
ATOM   353 O  "O4'"  . DT  B 1 8  ? 10.967  1.975   -1.528  1.00 46.91 ? 8  DT  B "O4'"  1 
ATOM   354 C  "C3'"  . DT  B 1 8  ? 12.768  1.915   -0.108  1.00 47.84 ? 8  DT  B "C3'"  1 
ATOM   355 O  "O3'"  . DT  B 1 8  ? 14.103  2.312   0.103   1.00 47.85 ? 8  DT  B "O3'"  1 
ATOM   356 C  "C2'"  . DT  B 1 8  ? 11.737  2.814   0.558   1.00 46.97 ? 8  DT  B "C2'"  1 
ATOM   357 C  "C1'"  . DT  B 1 8  ? 10.512  2.424   -0.257  1.00 46.28 ? 8  DT  B "C1'"  1 
ATOM   358 N  N1     . DT  B 1 8  ? 9.681   1.396   0.386   1.00 46.33 ? 8  DT  B N1     1 
ATOM   359 C  C2     . DT  B 1 8  ? 8.796   1.826   1.364   1.00 45.42 ? 8  DT  B C2     1 
ATOM   360 O  O2     . DT  B 1 8  ? 8.685   2.991   1.705   1.00 45.39 ? 8  DT  B O2     1 
ATOM   361 N  N3     . DT  B 1 8  ? 8.026   0.844   1.908   1.00 44.34 ? 8  DT  B N3     1 
ATOM   362 C  C4     . DT  B 1 8  ? 8.082   -0.499  1.591   1.00 44.83 ? 8  DT  B C4     1 
ATOM   363 O  O4     . DT  B 1 8  ? 7.364   -1.285  2.166   1.00 45.35 ? 8  DT  B O4     1 
ATOM   364 C  C5     . DT  B 1 8  ? 9.029   -0.893  0.574   1.00 45.04 ? 8  DT  B C5     1 
ATOM   365 C  C7     . DT  B 1 8  ? 9.160   -2.322  0.142   1.00 45.62 ? 8  DT  B C7     1 
ATOM   366 C  C6     . DT  B 1 8  ? 9.787   0.063   0.011   1.00 45.31 ? 8  DT  B C6     1 
HETATM 367 P  P      . XUA B 1 9  ? 14.839  1.959   1.463   1.00 49.73 ? 9  XUA B P      1 
HETATM 368 N  N1     . XUA B 1 9  ? 7.870   0.848   6.466   1.00 45.41 ? 9  XUA B N1     1 
HETATM 369 C  C2     . XUA B 1 9  ? 8.117   2.125   6.783   1.00 44.36 ? 9  XUA B C2     1 
HETATM 370 N  N3     . XUA B 1 9  ? 9.087   2.898   6.316   1.00 45.21 ? 9  XUA B N3     1 
HETATM 371 C  C4     . XUA B 1 9  ? 9.862   2.245   5.426   1.00 44.14 ? 9  XUA B C4     1 
HETATM 372 C  C5     . XUA B 1 9  ? 9.736   0.936   5.011   1.00 43.61 ? 9  XUA B C5     1 
HETATM 373 C  C6     . XUA B 1 9  ? 8.661   0.216   5.584   1.00 44.36 ? 9  XUA B C6     1 
HETATM 374 N  N6     . XUA B 1 9  ? 8.385   -1.060  5.307   1.00 44.24 ? 9  XUA B N6     1 
HETATM 375 N  N7     . XUA B 1 9  ? 10.735  0.608   4.103   1.00 42.41 ? 9  XUA B N7     1 
HETATM 376 C  C8     . XUA B 1 9  ? 11.425  1.714   3.978   1.00 43.03 ? 9  XUA B C8     1 
HETATM 377 N  N9     . XUA B 1 9  ? 10.961  2.728   4.770   1.00 44.64 ? 9  XUA B N9     1 
HETATM 378 C  "C1'"  . XUA B 1 9  ? 11.463  4.109   4.842   1.00 47.28 ? 9  XUA B "C1'"  1 
HETATM 379 O  OP1    . XUA B 1 9  ? 16.196  2.451   1.236   1.00 51.67 ? 9  XUA B OP1    1 
HETATM 380 C  "C2'"  . XUA B 1 9  ? 12.468  4.371   5.942   1.00 50.99 ? 9  XUA B "C2'"  1 
HETATM 381 SE "SE2'" . XUA B 1 9  ? 12.380  6.200   6.694   0.70 56.95 ? 9  XUA B "SE2'" 1 
HETATM 382 O  OP2    . XUA B 1 9  ? 14.604  0.550   1.843   1.00 47.55 ? 9  XUA B OP2    1 
HETATM 383 C  "C3'"  . XUA B 1 9  ? 13.758  4.192   5.147   1.00 49.85 ? 9  XUA B "C3'"  1 
HETATM 384 O  "O3'"  . XUA B 1 9  ? 14.799  4.864   5.789   1.00 50.03 ? 9  XUA B "O3'"  1 
HETATM 385 C  "C4'"  . XUA B 1 9  ? 13.428  4.793   3.795   1.00 49.85 ? 9  XUA B "C4'"  1 
HETATM 386 O  "O4'"  . XUA B 1 9  ? 12.063  4.413   3.586   1.00 48.27 ? 9  XUA B "O4'"  1 
HETATM 387 C  "C5'"  . XUA B 1 9  ? 14.236  4.274   2.620   1.00 50.08 ? 9  XUA B "C5'"  1 
HETATM 388 O  "O5'"  . XUA B 1 9  ? 14.044  2.869   2.514   1.00 49.97 ? 9  XUA B "O5'"  1 
HETATM 389 C  "CA'"  . XUA B 1 9  ? 10.443  6.401   6.885   0.70 53.24 ? 9  XUA B "CA'"  1 
ATOM   390 P  P      . DC  B 1 10 ? 15.892  3.986   6.531   1.00 52.86 ? 10 DC  B P      1 
ATOM   391 O  OP1    . DC  B 1 10 ? 17.019  4.889   6.788   1.00 55.83 ? 10 DC  B OP1    1 
ATOM   392 O  OP2    . DC  B 1 10 ? 16.133  2.693   5.854   1.00 54.19 ? 10 DC  B OP2    1 
ATOM   393 O  "O5'"  . DC  B 1 10 ? 15.211  3.631   7.914   1.00 49.49 ? 10 DC  B "O5'"  1 
ATOM   394 C  "C5'"  . DC  B 1 10 ? 15.155  4.564   8.975   1.00 48.98 ? 10 DC  B "C5'"  1 
ATOM   395 C  "C4'"  . DC  B 1 10 ? 14.125  4.116   9.985   1.00 48.45 ? 10 DC  B "C4'"  1 
ATOM   396 O  "O4'"  . DC  B 1 10 ? 12.873  3.908   9.267   1.00 48.75 ? 10 DC  B "O4'"  1 
ATOM   397 C  "C3'"  . DC  B 1 10 ? 14.392  2.772   10.637  1.00 47.25 ? 10 DC  B "C3'"  1 
ATOM   398 O  "O3'"  . DC  B 1 10 ? 15.444  2.821   11.627  1.00 48.24 ? 10 DC  B "O3'"  1 
ATOM   399 C  "C2'"  . DC  B 1 10 ? 12.974  2.534   11.164  1.00 47.20 ? 10 DC  B "C2'"  1 
ATOM   400 C  "C1'"  . DC  B 1 10 ? 12.121  2.924   9.944   1.00 45.52 ? 10 DC  B "C1'"  1 
ATOM   401 N  N1     . DC  B 1 10 ? 11.813  1.715   9.083   1.00 44.69 ? 10 DC  B N1     1 
ATOM   402 C  C2     . DC  B 1 10 ? 10.654  0.961   9.376   1.00 45.96 ? 10 DC  B C2     1 
ATOM   403 O  O2     . DC  B 1 10 ? 9.895   1.330   10.295  1.00 46.96 ? 10 DC  B O2     1 
ATOM   404 N  N3     . DC  B 1 10 ? 10.382  -0.147  8.638   1.00 42.37 ? 10 DC  B N3     1 
ATOM   405 C  C4     . DC  B 1 10 ? 11.224  -0.546  7.695   1.00 41.77 ? 10 DC  B C4     1 
ATOM   406 N  N4     . DC  B 1 10 ? 10.922  -1.649  7.033   1.00 42.83 ? 10 DC  B N4     1 
ATOM   407 C  C5     . DC  B 1 10 ? 12.405  0.187   7.384   1.00 42.57 ? 10 DC  B C5     1 
ATOM   408 C  C6     . DC  B 1 10 ? 12.663  1.287   8.102   1.00 43.10 ? 10 DC  B C6     1 
HETATM 409 MG MG     . MG  C 2 .  ? -3.398  5.961   -2.536  1.00 59.23 ? 60 MG  A MG     1 
HETATM 410 MG MG     . MG  D 2 .  ? -7.554  4.712   5.611   1.00 65.15 ? 61 MG  B MG     1 
HETATM 411 MG MG     . MG  E 2 .  ? -0.782  -0.270  1.873   0.50 51.09 ? 62 MG  B MG     1 
HETATM 412 O  O      . HOH F 3 .  ? -4.640  0.885   -14.575 1.00 77.20 ? 11 HOH A O      1 
HETATM 413 O  O      . HOH F 3 .  ? 0.180   0.195   -11.207 1.00 69.90 ? 12 HOH A O      1 
HETATM 414 O  O      . HOH F 3 .  ? -6.008  4.052   -3.557  1.00 33.04 ? 13 HOH A O      1 
HETATM 415 O  O      . HOH F 3 .  ? -9.615  1.879   -6.573  1.00 42.48 ? 14 HOH A O      1 
HETATM 416 O  O      . HOH F 3 .  ? -8.440  -6.736  -2.334  1.00 52.99 ? 15 HOH A O      1 
HETATM 417 O  O      . HOH F 3 .  ? -8.839  2.365   -9.070  1.00 49.41 ? 16 HOH A O      1 
HETATM 418 O  O      . HOH F 3 .  ? -19.197 -1.534  -7.020  1.00 56.07 ? 17 HOH A O      1 
HETATM 419 O  O      . HOH F 3 .  ? -12.138 2.814   -5.921  1.00 43.25 ? 18 HOH A O      1 
HETATM 420 O  O      . HOH F 3 .  ? -2.051  5.829   -6.690  1.00 49.72 ? 19 HOH A O      1 
HETATM 421 O  O      . HOH F 3 .  ? -12.787 -0.022  -8.255  1.00 46.84 ? 20 HOH A O      1 
HETATM 422 O  O      . HOH F 3 .  ? 2.577   12.494  0.532   1.00 67.21 ? 21 HOH A O      1 
HETATM 423 O  O      . HOH F 3 .  ? -8.818  3.805   -4.529  1.00 47.27 ? 24 HOH A O      1 
HETATM 424 O  O      . HOH F 3 .  ? -3.032  4.314   -4.485  1.00 51.38 ? 29 HOH A O      1 
HETATM 425 O  O      . HOH F 3 .  ? -2.330  3.423   12.279  1.00 59.79 ? 33 HOH A O      1 
HETATM 426 O  O      . HOH F 3 .  ? 0.238   4.111   0.212   1.00 48.67 ? 34 HOH A O      1 
HETATM 427 O  O      . HOH F 3 .  ? 1.876   -0.855  5.641   1.00 45.14 ? 35 HOH A O      1 
HETATM 428 O  O      . HOH F 3 .  ? 0.363   0.905   3.249   1.00 52.56 ? 36 HOH A O      1 
HETATM 429 O  O      . HOH F 3 .  ? 2.458   -0.222  -9.960  1.00 45.42 ? 37 HOH A O      1 
HETATM 430 O  O      . HOH F 3 .  ? -3.836  7.603   -3.504  1.00 65.33 ? 38 HOH A O      1 
HETATM 431 O  O      . HOH F 3 .  ? -1.311  6.816   10.830  1.00 57.09 ? 39 HOH A O      1 
HETATM 432 O  O      . HOH F 3 .  ? -3.895  5.936   8.568   1.00 63.77 ? 40 HOH A O      1 
HETATM 433 O  O      . HOH F 3 .  ? 0.295   9.115   9.915   1.00 66.82 ? 41 HOH A O      1 
HETATM 434 O  O      . HOH F 3 .  ? -7.698  -6.674  -8.200  1.00 59.27 ? 42 HOH A O      1 
HETATM 435 O  O      . HOH F 3 .  ? -7.834  -6.166  -10.801 1.00 47.48 ? 43 HOH A O      1 
HETATM 436 O  O      . HOH F 3 .  ? -1.520  4.189   -1.774  1.00 50.71 ? 45 HOH A O      1 
HETATM 437 O  O      . HOH F 3 .  ? -6.904  -5.436  -6.269  1.00 49.17 ? 46 HOH A O      1 
HETATM 438 O  O      . HOH F 3 .  ? 2.734   -2.889  3.748   1.00 49.91 ? 47 HOH A O      1 
HETATM 439 O  O      . HOH F 3 .  ? 4.546   -9.063  9.832   1.00 58.38 ? 49 HOH A O      1 
HETATM 440 O  O      . HOH F 3 .  ? -0.159  6.823   -2.360  1.00 53.67 ? 51 HOH A O      1 
HETATM 441 O  O      . HOH F 3 .  ? 0.013   -1.889  3.190   1.00 62.22 ? 52 HOH A O      1 
HETATM 442 O  O      . HOH F 3 .  ? 7.454   6.924   0.058   1.00 65.24 ? 54 HOH A O      1 
HETATM 443 O  O      . HOH F 3 .  ? -8.429  -6.733  -4.631  1.00 46.35 ? 56 HOH A O      1 
HETATM 444 O  O      . HOH F 3 .  ? 0.193   -1.588  7.386   1.00 60.17 ? 58 HOH A O      1 
HETATM 445 O  O      . HOH F 3 .  ? 6.476   -6.588  7.347   1.00 52.28 ? 59 HOH A O      1 
HETATM 446 O  O      . HOH G 3 .  ? 6.870   -3.920  2.278   1.00 29.22 ? 11 HOH B O      1 
HETATM 447 O  O      . HOH G 3 .  ? 11.242  -1.684  3.318   1.00 44.63 ? 12 HOH B O      1 
HETATM 448 O  O      . HOH G 3 .  ? 12.659  -2.357  0.727   1.00 54.98 ? 14 HOH B O      1 
HETATM 449 O  O      . HOH G 3 .  ? 0.256   0.039   -0.281  1.00 41.43 ? 15 HOH B O      1 
HETATM 450 O  O      . HOH G 3 .  ? 5.722   -4.248  -0.666  1.00 41.62 ? 16 HOH B O      1 
HETATM 451 O  O      . HOH G 3 .  ? 14.844  0.068   -5.713  1.00 53.24 ? 17 HOH B O      1 
HETATM 452 O  O      . HOH G 3 .  ? 14.736  0.304   4.496   1.00 45.23 ? 18 HOH B O      1 
HETATM 453 O  O      . HOH G 3 .  ? 2.413   -6.640  -1.443  1.00 42.92 ? 19 HOH B O      1 
HETATM 454 O  O      . HOH G 3 .  ? -14.668 -0.809  4.015   1.00 46.06 ? 20 HOH B O      1 
HETATM 455 O  O      . HOH G 3 .  ? 6.891   -5.582  -2.831  1.00 47.12 ? 21 HOH B O      1 
HETATM 456 O  O      . HOH G 3 .  ? 4.360   -6.029  0.655   1.00 48.53 ? 22 HOH B O      1 
HETATM 457 O  O      . HOH G 3 .  ? 2.498   -4.370  0.072   1.00 51.87 ? 23 HOH B O      1 
HETATM 458 O  O      . HOH G 3 .  ? 15.498  -2.441  5.668   1.00 60.84 ? 25 HOH B O      1 
HETATM 459 O  O      . HOH G 3 .  ? 9.726   -3.789  3.856   1.00 53.52 ? 26 HOH B O      1 
HETATM 460 O  O      . HOH G 3 .  ? -10.669 8.363   3.401   1.00 61.25 ? 27 HOH B O      1 
HETATM 461 O  O      . HOH G 3 .  ? 0.073   -3.902  -0.022  1.00 48.57 ? 28 HOH B O      1 
HETATM 462 O  O      . HOH G 3 .  ? 16.539  -0.838  -2.023  1.00 55.91 ? 30 HOH B O      1 
HETATM 463 O  O      . HOH G 3 .  ? -13.153 -0.246  5.845   1.00 74.77 ? 31 HOH B O      1 
HETATM 464 O  O      . HOH G 3 .  ? -7.180  4.074   -0.900  1.00 49.00 ? 32 HOH B O      1 
HETATM 465 O  O      . HOH G 3 .  ? -7.270  -7.752  7.829   1.00 57.78 ? 44 HOH B O      1 
HETATM 466 O  O      . HOH G 3 .  ? -10.675 5.307   -3.032  1.00 52.38 ? 48 HOH B O      1 
HETATM 467 O  O      . HOH G 3 .  ? 3.954   -2.754  1.551   1.00 53.36 ? 50 HOH B O      1 
HETATM 468 O  O      . HOH G 3 .  ? -4.338  -6.822  -5.726  1.00 61.23 ? 53 HOH B O      1 
HETATM 469 O  O      . HOH G 3 .  ? 15.928  -1.325  0.500   1.00 62.21 ? 55 HOH B O      1 
HETATM 470 O  O      . HOH G 3 .  ? 18.624  1.367   2.945   1.00 66.68 ? 57 HOH B O      1 
# 
loop_
_pdbx_poly_seq_scheme.asym_id 
_pdbx_poly_seq_scheme.entity_id 
_pdbx_poly_seq_scheme.seq_id 
_pdbx_poly_seq_scheme.mon_id 
_pdbx_poly_seq_scheme.ndb_seq_num 
_pdbx_poly_seq_scheme.pdb_seq_num 
_pdbx_poly_seq_scheme.auth_seq_num 
_pdbx_poly_seq_scheme.pdb_mon_id 
_pdbx_poly_seq_scheme.auth_mon_id 
_pdbx_poly_seq_scheme.pdb_strand_id 
_pdbx_poly_seq_scheme.pdb_ins_code 
_pdbx_poly_seq_scheme.hetero 
A 1 1  DG  1  1  1  DG  G   A . n 
A 1 2  DT  2  2  2  DT  T   A . n 
A 1 3  DA  3  3  3  DA  A   A . n 
A 1 4  DC  4  4  4  DC  C   A . n 
A 1 5  DG  5  5  5  DG  G   A . n 
A 1 6  DC  6  6  6  DC  C   A . n 
A 1 7  DG  7  7  7  DG  G   A . n 
A 1 8  DT  8  8  8  DT  T   A . n 
A 1 9  XUA 9  9  9  XUA XUA A . n 
A 1 10 DC  10 10 10 DC  C   A . n 
B 1 1  DG  1  1  1  DG  G   B . n 
B 1 2  DT  2  2  2  DT  T   B . n 
B 1 3  DA  3  3  3  DA  A   B . n 
B 1 4  DC  4  4  4  DC  C   B . n 
B 1 5  DG  5  5  5  DG  G   B . n 
B 1 6  DC  6  6  6  DC  C   B . n 
B 1 7  DG  7  7  7  DG  G   B . n 
B 1 8  DT  8  8  8  DT  T   B . n 
B 1 9  XUA 9  9  9  XUA XUA B . n 
B 1 10 DC  10 10 10 DC  C   B . n 
# 
loop_
_pdbx_nonpoly_scheme.asym_id 
_pdbx_nonpoly_scheme.entity_id 
_pdbx_nonpoly_scheme.mon_id 
_pdbx_nonpoly_scheme.ndb_seq_num 
_pdbx_nonpoly_scheme.pdb_seq_num 
_pdbx_nonpoly_scheme.auth_seq_num 
_pdbx_nonpoly_scheme.pdb_mon_id 
_pdbx_nonpoly_scheme.auth_mon_id 
_pdbx_nonpoly_scheme.pdb_strand_id 
_pdbx_nonpoly_scheme.pdb_ins_code 
C 2 MG  1  60 60 MG  MG  A . 
D 2 MG  1  61 61 MG  MG  B . 
E 2 MG  1  62 62 MG  MG  B . 
F 3 HOH 1  11 11 HOH HOH A . 
F 3 HOH 2  12 12 HOH HOH A . 
F 3 HOH 3  13 2  HOH HOH A . 
F 3 HOH 4  14 3  HOH HOH A . 
F 3 HOH 5  15 13 HOH HOH A . 
F 3 HOH 6  16 16 HOH HOH A . 
F 3 HOH 7  17 17 HOH HOH A . 
F 3 HOH 8  18 18 HOH HOH A . 
F 3 HOH 9  19 6  HOH HOH A . 
F 3 HOH 10 20 10 HOH HOH A . 
F 3 HOH 11 21 21 HOH HOH A . 
F 3 HOH 12 24 24 HOH HOH A . 
F 3 HOH 13 29 29 HOH HOH A . 
F 3 HOH 14 33 33 HOH HOH A . 
F 3 HOH 15 34 34 HOH HOH A . 
F 3 HOH 16 35 35 HOH HOH A . 
F 3 HOH 17 36 36 HOH HOH A . 
F 3 HOH 18 37 37 HOH HOH A . 
F 3 HOH 19 38 38 HOH HOH A . 
F 3 HOH 20 39 39 HOH HOH A . 
F 3 HOH 21 40 40 HOH HOH A . 
F 3 HOH 22 41 41 HOH HOH A . 
F 3 HOH 23 42 42 HOH HOH A . 
F 3 HOH 24 43 43 HOH HOH A . 
F 3 HOH 25 45 45 HOH HOH A . 
F 3 HOH 26 46 46 HOH HOH A . 
F 3 HOH 27 47 47 HOH HOH A . 
F 3 HOH 28 49 49 HOH HOH A . 
F 3 HOH 29 51 51 HOH HOH A . 
F 3 HOH 30 52 52 HOH HOH A . 
F 3 HOH 31 54 54 HOH HOH A . 
F 3 HOH 32 56 56 HOH HOH A . 
F 3 HOH 33 58 58 HOH HOH A . 
F 3 HOH 34 59 59 HOH HOH A . 
G 3 HOH 1  11 1  HOH HOH B . 
G 3 HOH 2  12 4  HOH HOH B . 
G 3 HOH 3  14 14 HOH HOH B . 
G 3 HOH 4  15 15 HOH HOH B . 
G 3 HOH 5  16 7  HOH HOH B . 
G 3 HOH 6  17 8  HOH HOH B . 
G 3 HOH 7  18 9  HOH HOH B . 
G 3 HOH 8  19 19 HOH HOH B . 
G 3 HOH 9  20 20 HOH HOH B . 
G 3 HOH 10 21 5  HOH HOH B . 
G 3 HOH 11 22 22 HOH HOH B . 
G 3 HOH 12 23 23 HOH HOH B . 
G 3 HOH 13 25 25 HOH HOH B . 
G 3 HOH 14 26 26 HOH HOH B . 
G 3 HOH 15 27 27 HOH HOH B . 
G 3 HOH 16 28 28 HOH HOH B . 
G 3 HOH 17 30 30 HOH HOH B . 
G 3 HOH 18 31 31 HOH HOH B . 
G 3 HOH 19 32 32 HOH HOH B . 
G 3 HOH 20 44 44 HOH HOH B . 
G 3 HOH 21 48 48 HOH HOH B . 
G 3 HOH 22 50 50 HOH HOH B . 
G 3 HOH 23 53 53 HOH HOH B . 
G 3 HOH 24 55 55 HOH HOH B . 
G 3 HOH 25 57 57 HOH HOH B . 
# 
loop_
_pdbx_struct_mod_residue.id 
_pdbx_struct_mod_residue.label_asym_id 
_pdbx_struct_mod_residue.label_comp_id 
_pdbx_struct_mod_residue.label_seq_id 
_pdbx_struct_mod_residue.auth_asym_id 
_pdbx_struct_mod_residue.auth_comp_id 
_pdbx_struct_mod_residue.auth_seq_id 
_pdbx_struct_mod_residue.PDB_ins_code 
_pdbx_struct_mod_residue.parent_comp_id 
_pdbx_struct_mod_residue.details 
1 A XUA 9 A XUA 9 ? DA ? 
2 B XUA 9 B XUA 9 ? DA ? 
# 
_pdbx_struct_assembly.id                   1 
_pdbx_struct_assembly.details              author_and_software_defined_assembly 
_pdbx_struct_assembly.method_details       PISA 
_pdbx_struct_assembly.oligomeric_details   dimeric 
_pdbx_struct_assembly.oligomeric_count     2 
# 
_pdbx_struct_assembly_gen.assembly_id       1 
_pdbx_struct_assembly_gen.oper_expression   1 
_pdbx_struct_assembly_gen.asym_id_list      A,B,C,D,E,F,G 
# 
loop_
_pdbx_struct_assembly_prop.biol_id 
_pdbx_struct_assembly_prop.type 
_pdbx_struct_assembly_prop.value 
_pdbx_struct_assembly_prop.details 
1 'ABSA (A^2)' 1190 ? 
1 MORE         -22  ? 
1 'SSA (A^2)'  3840 ? 
# 
_pdbx_struct_oper_list.id                   1 
_pdbx_struct_oper_list.type                 'identity operation' 
_pdbx_struct_oper_list.name                 1_555 
_pdbx_struct_oper_list.symmetry_operation   x,y,z 
_pdbx_struct_oper_list.matrix[1][1]         1.0000000000 
_pdbx_struct_oper_list.matrix[1][2]         0.0000000000 
_pdbx_struct_oper_list.matrix[1][3]         0.0000000000 
_pdbx_struct_oper_list.vector[1]            0.0000000000 
_pdbx_struct_oper_list.matrix[2][1]         0.0000000000 
_pdbx_struct_oper_list.matrix[2][2]         1.0000000000 
_pdbx_struct_oper_list.matrix[2][3]         0.0000000000 
_pdbx_struct_oper_list.vector[2]            0.0000000000 
_pdbx_struct_oper_list.matrix[3][1]         0.0000000000 
_pdbx_struct_oper_list.matrix[3][2]         0.0000000000 
_pdbx_struct_oper_list.matrix[3][3]         1.0000000000 
_pdbx_struct_oper_list.vector[3]            0.0000000000 
# 
loop_
_pdbx_struct_conn_angle.id 
_pdbx_struct_conn_angle.ptnr1_label_atom_id 
_pdbx_struct_conn_angle.ptnr1_label_alt_id 
_pdbx_struct_conn_angle.ptnr1_label_asym_id 
_pdbx_struct_conn_angle.ptnr1_label_comp_id 
_pdbx_struct_conn_angle.ptnr1_label_seq_id 
_pdbx_struct_conn_angle.ptnr1_auth_atom_id 
_pdbx_struct_conn_angle.ptnr1_auth_asym_id 
_pdbx_struct_conn_angle.ptnr1_auth_comp_id 
_pdbx_struct_conn_angle.ptnr1_auth_seq_id 
_pdbx_struct_conn_angle.ptnr1_PDB_ins_code 
_pdbx_struct_conn_angle.ptnr1_symmetry 
_pdbx_struct_conn_angle.ptnr2_label_atom_id 
_pdbx_struct_conn_angle.ptnr2_label_alt_id 
_pdbx_struct_conn_angle.ptnr2_label_asym_id 
_pdbx_struct_conn_angle.ptnr2_label_comp_id 
_pdbx_struct_conn_angle.ptnr2_label_seq_id 
_pdbx_struct_conn_angle.ptnr2_auth_atom_id 
_pdbx_struct_conn_angle.ptnr2_auth_asym_id 
_pdbx_struct_conn_angle.ptnr2_auth_comp_id 
_pdbx_struct_conn_angle.ptnr2_auth_seq_id 
_pdbx_struct_conn_angle.ptnr2_PDB_ins_code 
_pdbx_struct_conn_angle.ptnr2_symmetry 
_pdbx_struct_conn_angle.ptnr3_label_atom_id 
_pdbx_struct_conn_angle.ptnr3_label_alt_id 
_pdbx_struct_conn_angle.ptnr3_label_asym_id 
_pdbx_struct_conn_angle.ptnr3_label_comp_id 
_pdbx_struct_conn_angle.ptnr3_label_seq_id 
_pdbx_struct_conn_angle.ptnr3_auth_atom_id 
_pdbx_struct_conn_angle.ptnr3_auth_asym_id 
_pdbx_struct_conn_angle.ptnr3_auth_comp_id 
_pdbx_struct_conn_angle.ptnr3_auth_seq_id 
_pdbx_struct_conn_angle.ptnr3_PDB_ins_code 
_pdbx_struct_conn_angle.ptnr3_symmetry 
_pdbx_struct_conn_angle.value 
_pdbx_struct_conn_angle.value_esd 
1 O ? F HOH . ? A HOH 36 ? 1_555 MG ? E MG . ? B MG 62 ? 1_555 O ? F HOH . ? A HOH 52 ? 1_555 80.1  ? 
2 O ? F HOH . ? A HOH 36 ? 1_555 MG ? E MG . ? B MG 62 ? 1_555 O ? G HOH . ? B HOH 15 ? 1_555 105.9 ? 
3 O ? F HOH . ? A HOH 52 ? 1_555 MG ? E MG . ? B MG 62 ? 1_555 O ? G HOH . ? B HOH 15 ? 1_555 117.8 ? 
# 
loop_
_pdbx_audit_revision_history.ordinal 
_pdbx_audit_revision_history.data_content_type 
_pdbx_audit_revision_history.major_revision 
_pdbx_audit_revision_history.minor_revision 
_pdbx_audit_revision_history.revision_date 
1 'Structure model' 1 0 2009-08-11 
2 'Structure model' 1 1 2011-07-13 
3 'Structure model' 1 2 2023-09-06 
# 
_pdbx_audit_revision_details.ordinal             1 
_pdbx_audit_revision_details.revision_ordinal    1 
_pdbx_audit_revision_details.data_content_type   'Structure model' 
_pdbx_audit_revision_details.provider            repository 
_pdbx_audit_revision_details.type                'Initial release' 
_pdbx_audit_revision_details.description         ? 
_pdbx_audit_revision_details.details             ? 
# 
loop_
_pdbx_audit_revision_group.ordinal 
_pdbx_audit_revision_group.revision_ordinal 
_pdbx_audit_revision_group.data_content_type 
_pdbx_audit_revision_group.group 
1 2 'Structure model' Advisory                    
2 2 'Structure model' 'Version format compliance' 
3 3 'Structure model' 'Data collection'           
4 3 'Structure model' 'Database references'       
5 3 'Structure model' 'Derived calculations'      
6 3 'Structure model' 'Refinement description'    
# 
loop_
_pdbx_audit_revision_category.ordinal 
_pdbx_audit_revision_category.revision_ordinal 
_pdbx_audit_revision_category.data_content_type 
_pdbx_audit_revision_category.category 
1 3 'Structure model' chem_comp_atom                
2 3 'Structure model' chem_comp_bond                
3 3 'Structure model' database_2                    
4 3 'Structure model' pdbx_initial_refinement_model 
5 3 'Structure model' pdbx_struct_conn_angle        
6 3 'Structure model' struct_conn                   
7 3 'Structure model' struct_site                   
# 
loop_
_pdbx_audit_revision_item.ordinal 
_pdbx_audit_revision_item.revision_ordinal 
_pdbx_audit_revision_item.data_content_type 
_pdbx_audit_revision_item.item 
1  3 'Structure model' '_database_2.pdbx_DOI'                        
2  3 'Structure model' '_database_2.pdbx_database_accession'         
3  3 'Structure model' '_pdbx_struct_conn_angle.ptnr1_auth_asym_id'  
4  3 'Structure model' '_pdbx_struct_conn_angle.ptnr1_auth_seq_id'   
5  3 'Structure model' '_pdbx_struct_conn_angle.ptnr1_label_asym_id' 
6  3 'Structure model' '_pdbx_struct_conn_angle.ptnr3_auth_asym_id'  
7  3 'Structure model' '_pdbx_struct_conn_angle.ptnr3_auth_seq_id'   
8  3 'Structure model' '_pdbx_struct_conn_angle.ptnr3_label_asym_id' 
9  3 'Structure model' '_pdbx_struct_conn_angle.value'               
10 3 'Structure model' '_struct_conn.pdbx_dist_value'                
11 3 'Structure model' '_struct_conn.pdbx_leaving_atom_flag'         
12 3 'Structure model' '_struct_conn.ptnr1_auth_asym_id'             
13 3 'Structure model' '_struct_conn.ptnr1_auth_comp_id'             
14 3 'Structure model' '_struct_conn.ptnr1_auth_seq_id'              
15 3 'Structure model' '_struct_conn.ptnr1_label_asym_id'            
16 3 'Structure model' '_struct_conn.ptnr1_label_atom_id'            
17 3 'Structure model' '_struct_conn.ptnr1_label_comp_id'            
18 3 'Structure model' '_struct_conn.ptnr1_label_seq_id'             
19 3 'Structure model' '_struct_conn.ptnr2_auth_asym_id'             
20 3 'Structure model' '_struct_conn.ptnr2_auth_comp_id'             
21 3 'Structure model' '_struct_conn.ptnr2_auth_seq_id'              
22 3 'Structure model' '_struct_conn.ptnr2_label_asym_id'            
23 3 'Structure model' '_struct_conn.ptnr2_label_atom_id'            
24 3 'Structure model' '_struct_conn.ptnr2_label_comp_id'            
25 3 'Structure model' '_struct_site.pdbx_auth_asym_id'              
26 3 'Structure model' '_struct_site.pdbx_auth_comp_id'              
27 3 'Structure model' '_struct_site.pdbx_auth_seq_id'               
# 
loop_
_pdbx_refine_tls.pdbx_refine_id 
_pdbx_refine_tls.id 
_pdbx_refine_tls.details 
_pdbx_refine_tls.method 
_pdbx_refine_tls.origin_x 
_pdbx_refine_tls.origin_y 
_pdbx_refine_tls.origin_z 
_pdbx_refine_tls.T[1][1] 
_pdbx_refine_tls.T[2][2] 
_pdbx_refine_tls.T[3][3] 
_pdbx_refine_tls.T[1][2] 
_pdbx_refine_tls.T[1][3] 
_pdbx_refine_tls.T[2][3] 
_pdbx_refine_tls.L[1][1] 
_pdbx_refine_tls.L[2][2] 
_pdbx_refine_tls.L[3][3] 
_pdbx_refine_tls.L[1][2] 
_pdbx_refine_tls.L[1][3] 
_pdbx_refine_tls.L[2][3] 
_pdbx_refine_tls.S[1][1] 
_pdbx_refine_tls.S[1][2] 
_pdbx_refine_tls.S[1][3] 
_pdbx_refine_tls.S[2][1] 
_pdbx_refine_tls.S[2][2] 
_pdbx_refine_tls.S[2][3] 
_pdbx_refine_tls.S[3][1] 
_pdbx_refine_tls.S[3][2] 
_pdbx_refine_tls.S[3][3] 
'X-RAY DIFFRACTION' 1 ? refined -1.7061 1.2117  -0.7586 -0.1387 -0.0716 -0.2122 0.0390 0.0602 0.0556  11.4707 1.3675 4.0231 -0.2734 4.1148 1.3220  -0.3003 0.3055 -0.3810 0.2459 -0.1080 0.2750 -0.1493 0.0822 0.4083 
'X-RAY DIFFRACTION' 2 ? refined 1.8406  -1.2257 0.8464  -0.1327 -0.0875 -0.2352 0.0698 0.0640 -0.0033 10.5815 1.5809 4.5040 0.4185  4.5700 -1.4293 -0.1727 0.3772 -0.3258 0.3315 -0.0890 0.0446 -0.4600 0.2036 0.2617 
# 
loop_
_pdbx_refine_tls_group.pdbx_refine_id 
_pdbx_refine_tls_group.id 
_pdbx_refine_tls_group.refine_tls_id 
_pdbx_refine_tls_group.beg_auth_asym_id 
_pdbx_refine_tls_group.beg_auth_seq_id 
_pdbx_refine_tls_group.beg_label_asym_id 
_pdbx_refine_tls_group.beg_label_seq_id 
_pdbx_refine_tls_group.end_auth_asym_id 
_pdbx_refine_tls_group.end_auth_seq_id 
_pdbx_refine_tls_group.end_label_asym_id 
_pdbx_refine_tls_group.end_label_seq_id 
_pdbx_refine_tls_group.selection 
_pdbx_refine_tls_group.selection_details 
'X-RAY DIFFRACTION' 1 1 A 1 ? ? A 10 ? ? ? ? 
'X-RAY DIFFRACTION' 2 2 B 1 ? ? B 10 ? ? ? ? 
# 
loop_
_software.name 
_software.classification 
_software.version 
_software.citation_id 
_software.pdbx_ordinal 
CBASS    'data collection' .        ? 1 
PHASES   phasing           .        ? 2 
REFMAC   refinement        5.2.0019 ? 3 
HKL-2000 'data reduction'  .        ? 4 
HKL-2000 'data scaling'    .        ? 5 
# 
loop_
_pdbx_validate_rmsd_angle.id 
_pdbx_validate_rmsd_angle.PDB_model_num 
_pdbx_validate_rmsd_angle.auth_atom_id_1 
_pdbx_validate_rmsd_angle.auth_asym_id_1 
_pdbx_validate_rmsd_angle.auth_comp_id_1 
_pdbx_validate_rmsd_angle.auth_seq_id_1 
_pdbx_validate_rmsd_angle.PDB_ins_code_1 
_pdbx_validate_rmsd_angle.label_alt_id_1 
_pdbx_validate_rmsd_angle.auth_atom_id_2 
_pdbx_validate_rmsd_angle.auth_asym_id_2 
_pdbx_validate_rmsd_angle.auth_comp_id_2 
_pdbx_validate_rmsd_angle.auth_seq_id_2 
_pdbx_validate_rmsd_angle.PDB_ins_code_2 
_pdbx_validate_rmsd_angle.label_alt_id_2 
_pdbx_validate_rmsd_angle.auth_atom_id_3 
_pdbx_validate_rmsd_angle.auth_asym_id_3 
_pdbx_validate_rmsd_angle.auth_comp_id_3 
_pdbx_validate_rmsd_angle.auth_seq_id_3 
_pdbx_validate_rmsd_angle.PDB_ins_code_3 
_pdbx_validate_rmsd_angle.label_alt_id_3 
_pdbx_validate_rmsd_angle.angle_value 
_pdbx_validate_rmsd_angle.angle_target_value 
_pdbx_validate_rmsd_angle.angle_deviation 
_pdbx_validate_rmsd_angle.angle_standard_deviation 
_pdbx_validate_rmsd_angle.linker_flag 
1  1 "O4'" A DT 2  ? ? "C1'" A DT 2  ? ? N1    A DT 2  ? ? 111.30 108.30 3.00  0.30 N 
2  1 C6    A DT 2  ? ? C5    A DT 2  ? ? C7    A DT 2  ? ? 119.11 122.90 -3.79 0.60 N 
3  1 "O4'" A DA 3  ? ? "C1'" A DA 3  ? ? N9    A DA 3  ? ? 111.74 108.30 3.44  0.30 N 
4  1 "O4'" A DC 4  ? ? "C4'" A DC 4  ? ? "C3'" A DC 4  ? ? 101.78 104.50 -2.72 0.40 N 
5  1 "O4'" A DG 5  ? ? "C4'" A DG 5  ? ? "C3'" A DG 5  ? ? 101.46 104.50 -3.04 0.40 N 
6  1 "O4'" A DC 6  ? ? "C4'" A DC 6  ? ? "C3'" A DC 6  ? ? 101.85 104.50 -2.65 0.40 N 
7  1 "O4'" A DG 7  ? ? "C1'" A DG 7  ? ? N9    A DG 7  ? ? 111.23 108.30 2.93  0.30 N 
8  1 "O4'" A DT 8  ? ? "C4'" A DT 8  ? ? "C3'" A DT 8  ? ? 101.08 104.50 -3.42 0.40 N 
9  1 "C4'" A DC 10 ? ? "C3'" A DC 10 ? ? "C2'" A DC 10 ? ? 97.63  102.20 -4.57 0.70 N 
10 1 "O4'" A DC 10 ? ? "C1'" A DC 10 ? ? N1    A DC 10 ? ? 112.70 108.30 4.40  0.30 N 
11 1 "O5'" B DT 2  ? ? "C5'" B DT 2  ? ? "C4'" B DT 2  ? ? 104.44 109.40 -4.96 0.80 N 
12 1 "O4'" B DT 2  ? ? "C4'" B DT 2  ? ? "C3'" B DT 2  ? ? 100.54 104.50 -3.96 0.40 N 
13 1 "O4'" B DT 2  ? ? "C1'" B DT 2  ? ? N1    B DT 2  ? ? 110.36 108.30 2.06  0.30 N 
14 1 "O4'" B DA 3  ? ? "C1'" B DA 3  ? ? N9    B DA 3  ? ? 112.85 108.30 4.55  0.30 N 
15 1 "O4'" B DC 4  ? ? "C1'" B DC 4  ? ? N1    B DC 4  ? ? 110.44 108.30 2.14  0.30 N 
16 1 "C4'" B DC 6  ? ? "C3'" B DC 6  ? ? "C2'" B DC 6  ? ? 97.70  102.20 -4.50 0.70 N 
17 1 "O4'" B DG 7  ? ? "C1'" B DG 7  ? ? N9    B DG 7  ? ? 110.87 108.30 2.57  0.30 N 
18 1 "O4'" B DT 8  ? ? "C4'" B DT 8  ? ? "C3'" B DT 8  ? ? 101.38 104.50 -3.12 0.40 N 
19 1 "O4'" B DT 8  ? ? "C1'" B DT 8  ? ? N1    B DT 8  ? ? 110.57 108.30 2.27  0.30 N 
20 1 "C4'" B DC 10 ? ? "C3'" B DC 10 ? ? "C2'" B DC 10 ? ? 97.04  102.20 -5.16 0.70 N 
21 1 "O4'" B DC 10 ? ? "C1'" B DC 10 ? ? N1    B DC 10 ? ? 113.07 108.30 4.77  0.30 N 
# 
loop_
_chem_comp_atom.comp_id 
_chem_comp_atom.atom_id 
_chem_comp_atom.type_symbol 
_chem_comp_atom.pdbx_aromatic_flag 
_chem_comp_atom.pdbx_stereo_config 
_chem_comp_atom.pdbx_ordinal 
DA  OP3    O  N N 1   
DA  P      P  N N 2   
DA  OP1    O  N N 3   
DA  OP2    O  N N 4   
DA  "O5'"  O  N N 5   
DA  "C5'"  C  N N 6   
DA  "C4'"  C  N R 7   
DA  "O4'"  O  N N 8   
DA  "C3'"  C  N S 9   
DA  "O3'"  O  N N 10  
DA  "C2'"  C  N N 11  
DA  "C1'"  C  N R 12  
DA  N9     N  Y N 13  
DA  C8     C  Y N 14  
DA  N7     N  Y N 15  
DA  C5     C  Y N 16  
DA  C6     C  Y N 17  
DA  N6     N  N N 18  
DA  N1     N  Y N 19  
DA  C2     C  Y N 20  
DA  N3     N  Y N 21  
DA  C4     C  Y N 22  
DA  HOP3   H  N N 23  
DA  HOP2   H  N N 24  
DA  "H5'"  H  N N 25  
DA  "H5''" H  N N 26  
DA  "H4'"  H  N N 27  
DA  "H3'"  H  N N 28  
DA  "HO3'" H  N N 29  
DA  "H2'"  H  N N 30  
DA  "H2''" H  N N 31  
DA  "H1'"  H  N N 32  
DA  H8     H  N N 33  
DA  H61    H  N N 34  
DA  H62    H  N N 35  
DA  H2     H  N N 36  
DC  OP3    O  N N 37  
DC  P      P  N N 38  
DC  OP1    O  N N 39  
DC  OP2    O  N N 40  
DC  "O5'"  O  N N 41  
DC  "C5'"  C  N N 42  
DC  "C4'"  C  N R 43  
DC  "O4'"  O  N N 44  
DC  "C3'"  C  N S 45  
DC  "O3'"  O  N N 46  
DC  "C2'"  C  N N 47  
DC  "C1'"  C  N R 48  
DC  N1     N  N N 49  
DC  C2     C  N N 50  
DC  O2     O  N N 51  
DC  N3     N  N N 52  
DC  C4     C  N N 53  
DC  N4     N  N N 54  
DC  C5     C  N N 55  
DC  C6     C  N N 56  
DC  HOP3   H  N N 57  
DC  HOP2   H  N N 58  
DC  "H5'"  H  N N 59  
DC  "H5''" H  N N 60  
DC  "H4'"  H  N N 61  
DC  "H3'"  H  N N 62  
DC  "HO3'" H  N N 63  
DC  "H2'"  H  N N 64  
DC  "H2''" H  N N 65  
DC  "H1'"  H  N N 66  
DC  H41    H  N N 67  
DC  H42    H  N N 68  
DC  H5     H  N N 69  
DC  H6     H  N N 70  
DG  OP3    O  N N 71  
DG  P      P  N N 72  
DG  OP1    O  N N 73  
DG  OP2    O  N N 74  
DG  "O5'"  O  N N 75  
DG  "C5'"  C  N N 76  
DG  "C4'"  C  N R 77  
DG  "O4'"  O  N N 78  
DG  "C3'"  C  N S 79  
DG  "O3'"  O  N N 80  
DG  "C2'"  C  N N 81  
DG  "C1'"  C  N R 82  
DG  N9     N  Y N 83  
DG  C8     C  Y N 84  
DG  N7     N  Y N 85  
DG  C5     C  Y N 86  
DG  C6     C  N N 87  
DG  O6     O  N N 88  
DG  N1     N  N N 89  
DG  C2     C  N N 90  
DG  N2     N  N N 91  
DG  N3     N  N N 92  
DG  C4     C  Y N 93  
DG  HOP3   H  N N 94  
DG  HOP2   H  N N 95  
DG  "H5'"  H  N N 96  
DG  "H5''" H  N N 97  
DG  "H4'"  H  N N 98  
DG  "H3'"  H  N N 99  
DG  "HO3'" H  N N 100 
DG  "H2'"  H  N N 101 
DG  "H2''" H  N N 102 
DG  "H1'"  H  N N 103 
DG  H8     H  N N 104 
DG  H1     H  N N 105 
DG  H21    H  N N 106 
DG  H22    H  N N 107 
DT  OP3    O  N N 108 
DT  P      P  N N 109 
DT  OP1    O  N N 110 
DT  OP2    O  N N 111 
DT  "O5'"  O  N N 112 
DT  "C5'"  C  N N 113 
DT  "C4'"  C  N R 114 
DT  "O4'"  O  N N 115 
DT  "C3'"  C  N S 116 
DT  "O3'"  O  N N 117 
DT  "C2'"  C  N N 118 
DT  "C1'"  C  N R 119 
DT  N1     N  N N 120 
DT  C2     C  N N 121 
DT  O2     O  N N 122 
DT  N3     N  N N 123 
DT  C4     C  N N 124 
DT  O4     O  N N 125 
DT  C5     C  N N 126 
DT  C7     C  N N 127 
DT  C6     C  N N 128 
DT  HOP3   H  N N 129 
DT  HOP2   H  N N 130 
DT  "H5'"  H  N N 131 
DT  "H5''" H  N N 132 
DT  "H4'"  H  N N 133 
DT  "H3'"  H  N N 134 
DT  "HO3'" H  N N 135 
DT  "H2'"  H  N N 136 
DT  "H2''" H  N N 137 
DT  "H1'"  H  N N 138 
DT  H3     H  N N 139 
DT  H71    H  N N 140 
DT  H72    H  N N 141 
DT  H73    H  N N 142 
DT  H6     H  N N 143 
HOH O      O  N N 144 
HOH H1     H  N N 145 
HOH H2     H  N N 146 
MG  MG     MG N N 147 
XUA P      P  N N 148 
XUA N1     N  Y N 149 
XUA C2     C  Y N 150 
XUA N3     N  Y N 151 
XUA C4     C  Y N 152 
XUA C5     C  Y N 153 
XUA C6     C  Y N 154 
XUA N6     N  N N 155 
XUA N7     N  Y N 156 
XUA C8     C  Y N 157 
XUA N9     N  Y N 158 
XUA "C1'"  C  N R 159 
XUA OP1    O  N N 160 
XUA "C2'"  C  N R 161 
XUA "SE2'" SE N N 162 
XUA OP2    O  N N 163 
XUA "C3'"  C  N R 164 
XUA "O3'"  O  N N 165 
XUA OP3    O  N N 166 
XUA "C4'"  C  N R 167 
XUA "O4'"  O  N N 168 
XUA "C5'"  C  N N 169 
XUA "O5'"  O  N N 170 
XUA "CA'"  C  N N 171 
XUA H2     H  N N 172 
XUA HN6    H  N N 173 
XUA HN6A   H  N N 174 
XUA H8     H  N N 175 
XUA "H1'"  H  N N 176 
XUA "H2'"  H  N N 177 
XUA HOP2   H  N N 178 
XUA "H3'"  H  N N 179 
XUA "HO3'" H  N N 180 
XUA HOP3   H  N N 181 
XUA "H4'"  H  N N 182 
XUA "H5'"  H  N N 183 
XUA "H5''" H  N N 184 
XUA HA1    H  N N 185 
XUA HA2    H  N N 186 
XUA HA3    H  N N 187 
# 
loop_
_chem_comp_bond.comp_id 
_chem_comp_bond.atom_id_1 
_chem_comp_bond.atom_id_2 
_chem_comp_bond.value_order 
_chem_comp_bond.pdbx_aromatic_flag 
_chem_comp_bond.pdbx_stereo_config 
_chem_comp_bond.pdbx_ordinal 
DA  OP3    P      sing N N 1   
DA  OP3    HOP3   sing N N 2   
DA  P      OP1    doub N N 3   
DA  P      OP2    sing N N 4   
DA  P      "O5'"  sing N N 5   
DA  OP2    HOP2   sing N N 6   
DA  "O5'"  "C5'"  sing N N 7   
DA  "C5'"  "C4'"  sing N N 8   
DA  "C5'"  "H5'"  sing N N 9   
DA  "C5'"  "H5''" sing N N 10  
DA  "C4'"  "O4'"  sing N N 11  
DA  "C4'"  "C3'"  sing N N 12  
DA  "C4'"  "H4'"  sing N N 13  
DA  "O4'"  "C1'"  sing N N 14  
DA  "C3'"  "O3'"  sing N N 15  
DA  "C3'"  "C2'"  sing N N 16  
DA  "C3'"  "H3'"  sing N N 17  
DA  "O3'"  "HO3'" sing N N 18  
DA  "C2'"  "C1'"  sing N N 19  
DA  "C2'"  "H2'"  sing N N 20  
DA  "C2'"  "H2''" sing N N 21  
DA  "C1'"  N9     sing N N 22  
DA  "C1'"  "H1'"  sing N N 23  
DA  N9     C8     sing Y N 24  
DA  N9     C4     sing Y N 25  
DA  C8     N7     doub Y N 26  
DA  C8     H8     sing N N 27  
DA  N7     C5     sing Y N 28  
DA  C5     C6     sing Y N 29  
DA  C5     C4     doub Y N 30  
DA  C6     N6     sing N N 31  
DA  C6     N1     doub Y N 32  
DA  N6     H61    sing N N 33  
DA  N6     H62    sing N N 34  
DA  N1     C2     sing Y N 35  
DA  C2     N3     doub Y N 36  
DA  C2     H2     sing N N 37  
DA  N3     C4     sing Y N 38  
DC  OP3    P      sing N N 39  
DC  OP3    HOP3   sing N N 40  
DC  P      OP1    doub N N 41  
DC  P      OP2    sing N N 42  
DC  P      "O5'"  sing N N 43  
DC  OP2    HOP2   sing N N 44  
DC  "O5'"  "C5'"  sing N N 45  
DC  "C5'"  "C4'"  sing N N 46  
DC  "C5'"  "H5'"  sing N N 47  
DC  "C5'"  "H5''" sing N N 48  
DC  "C4'"  "O4'"  sing N N 49  
DC  "C4'"  "C3'"  sing N N 50  
DC  "C4'"  "H4'"  sing N N 51  
DC  "O4'"  "C1'"  sing N N 52  
DC  "C3'"  "O3'"  sing N N 53  
DC  "C3'"  "C2'"  sing N N 54  
DC  "C3'"  "H3'"  sing N N 55  
DC  "O3'"  "HO3'" sing N N 56  
DC  "C2'"  "C1'"  sing N N 57  
DC  "C2'"  "H2'"  sing N N 58  
DC  "C2'"  "H2''" sing N N 59  
DC  "C1'"  N1     sing N N 60  
DC  "C1'"  "H1'"  sing N N 61  
DC  N1     C2     sing N N 62  
DC  N1     C6     sing N N 63  
DC  C2     O2     doub N N 64  
DC  C2     N3     sing N N 65  
DC  N3     C4     doub N N 66  
DC  C4     N4     sing N N 67  
DC  C4     C5     sing N N 68  
DC  N4     H41    sing N N 69  
DC  N4     H42    sing N N 70  
DC  C5     C6     doub N N 71  
DC  C5     H5     sing N N 72  
DC  C6     H6     sing N N 73  
DG  OP3    P      sing N N 74  
DG  OP3    HOP3   sing N N 75  
DG  P      OP1    doub N N 76  
DG  P      OP2    sing N N 77  
DG  P      "O5'"  sing N N 78  
DG  OP2    HOP2   sing N N 79  
DG  "O5'"  "C5'"  sing N N 80  
DG  "C5'"  "C4'"  sing N N 81  
DG  "C5'"  "H5'"  sing N N 82  
DG  "C5'"  "H5''" sing N N 83  
DG  "C4'"  "O4'"  sing N N 84  
DG  "C4'"  "C3'"  sing N N 85  
DG  "C4'"  "H4'"  sing N N 86  
DG  "O4'"  "C1'"  sing N N 87  
DG  "C3'"  "O3'"  sing N N 88  
DG  "C3'"  "C2'"  sing N N 89  
DG  "C3'"  "H3'"  sing N N 90  
DG  "O3'"  "HO3'" sing N N 91  
DG  "C2'"  "C1'"  sing N N 92  
DG  "C2'"  "H2'"  sing N N 93  
DG  "C2'"  "H2''" sing N N 94  
DG  "C1'"  N9     sing N N 95  
DG  "C1'"  "H1'"  sing N N 96  
DG  N9     C8     sing Y N 97  
DG  N9     C4     sing Y N 98  
DG  C8     N7     doub Y N 99  
DG  C8     H8     sing N N 100 
DG  N7     C5     sing Y N 101 
DG  C5     C6     sing N N 102 
DG  C5     C4     doub Y N 103 
DG  C6     O6     doub N N 104 
DG  C6     N1     sing N N 105 
DG  N1     C2     sing N N 106 
DG  N1     H1     sing N N 107 
DG  C2     N2     sing N N 108 
DG  C2     N3     doub N N 109 
DG  N2     H21    sing N N 110 
DG  N2     H22    sing N N 111 
DG  N3     C4     sing N N 112 
DT  OP3    P      sing N N 113 
DT  OP3    HOP3   sing N N 114 
DT  P      OP1    doub N N 115 
DT  P      OP2    sing N N 116 
DT  P      "O5'"  sing N N 117 
DT  OP2    HOP2   sing N N 118 
DT  "O5'"  "C5'"  sing N N 119 
DT  "C5'"  "C4'"  sing N N 120 
DT  "C5'"  "H5'"  sing N N 121 
DT  "C5'"  "H5''" sing N N 122 
DT  "C4'"  "O4'"  sing N N 123 
DT  "C4'"  "C3'"  sing N N 124 
DT  "C4'"  "H4'"  sing N N 125 
DT  "O4'"  "C1'"  sing N N 126 
DT  "C3'"  "O3'"  sing N N 127 
DT  "C3'"  "C2'"  sing N N 128 
DT  "C3'"  "H3'"  sing N N 129 
DT  "O3'"  "HO3'" sing N N 130 
DT  "C2'"  "C1'"  sing N N 131 
DT  "C2'"  "H2'"  sing N N 132 
DT  "C2'"  "H2''" sing N N 133 
DT  "C1'"  N1     sing N N 134 
DT  "C1'"  "H1'"  sing N N 135 
DT  N1     C2     sing N N 136 
DT  N1     C6     sing N N 137 
DT  C2     O2     doub N N 138 
DT  C2     N3     sing N N 139 
DT  N3     C4     sing N N 140 
DT  N3     H3     sing N N 141 
DT  C4     O4     doub N N 142 
DT  C4     C5     sing N N 143 
DT  C5     C7     sing N N 144 
DT  C5     C6     doub N N 145 
DT  C7     H71    sing N N 146 
DT  C7     H72    sing N N 147 
DT  C7     H73    sing N N 148 
DT  C6     H6     sing N N 149 
HOH O      H1     sing N N 150 
HOH O      H2     sing N N 151 
XUA OP1    P      doub N N 152 
XUA "O5'"  P      sing N N 153 
XUA P      OP2    sing N N 154 
XUA P      OP3    sing N N 155 
XUA C2     N1     doub Y N 156 
XUA C6     N1     sing Y N 157 
XUA N3     C2     sing Y N 158 
XUA C2     H2     sing N N 159 
XUA N3     C4     doub Y N 160 
XUA N9     C4     sing Y N 161 
XUA C4     C5     sing Y N 162 
XUA N7     C5     sing Y N 163 
XUA C5     C6     doub Y N 164 
XUA C6     N6     sing N N 165 
XUA N6     HN6    sing N N 166 
XUA N6     HN6A   sing N N 167 
XUA C8     N7     doub Y N 168 
XUA N9     C8     sing Y N 169 
XUA C8     H8     sing N N 170 
XUA "C1'"  N9     sing N N 171 
XUA "C2'"  "C1'"  sing N N 172 
XUA "O4'"  "C1'"  sing N N 173 
XUA "C1'"  "H1'"  sing N N 174 
XUA "SE2'" "C2'"  sing N N 175 
XUA "C3'"  "C2'"  sing N N 176 
XUA "C2'"  "H2'"  sing N N 177 
XUA "SE2'" "CA'"  sing N N 178 
XUA OP2    HOP2   sing N N 179 
XUA "O3'"  "C3'"  sing N N 180 
XUA "C3'"  "C4'"  sing N N 181 
XUA "C3'"  "H3'"  sing N N 182 
XUA "O3'"  "HO3'" sing N N 183 
XUA OP3    HOP3   sing N N 184 
XUA "C4'"  "C5'"  sing N N 185 
XUA "C4'"  "O4'"  sing N N 186 
XUA "C4'"  "H4'"  sing N N 187 
XUA "C5'"  "O5'"  sing N N 188 
XUA "C5'"  "H5'"  sing N N 189 
XUA "C5'"  "H5''" sing N N 190 
XUA "CA'"  HA1    sing N N 191 
XUA "CA'"  HA2    sing N N 192 
XUA "CA'"  HA3    sing N N 193 
# 
_ndb_struct_conf_na.entry_id   3IFF 
_ndb_struct_conf_na.feature    'a-form double helix' 
# 
loop_
_ndb_struct_na_base_pair.model_number 
_ndb_struct_na_base_pair.i_label_asym_id 
_ndb_struct_na_base_pair.i_label_comp_id 
_ndb_struct_na_base_pair.i_label_seq_id 
_ndb_struct_na_base_pair.i_symmetry 
_ndb_struct_na_base_pair.j_label_asym_id 
_ndb_struct_na_base_pair.j_label_comp_id 
_ndb_struct_na_base_pair.j_label_seq_id 
_ndb_struct_na_base_pair.j_symmetry 
_ndb_struct_na_base_pair.shear 
_ndb_struct_na_base_pair.stretch 
_ndb_struct_na_base_pair.stagger 
_ndb_struct_na_base_pair.buckle 
_ndb_struct_na_base_pair.propeller 
_ndb_struct_na_base_pair.opening 
_ndb_struct_na_base_pair.pair_number 
_ndb_struct_na_base_pair.pair_name 
_ndb_struct_na_base_pair.i_auth_asym_id 
_ndb_struct_na_base_pair.i_auth_seq_id 
_ndb_struct_na_base_pair.i_PDB_ins_code 
_ndb_struct_na_base_pair.j_auth_asym_id 
_ndb_struct_na_base_pair.j_auth_seq_id 
_ndb_struct_na_base_pair.j_PDB_ins_code 
_ndb_struct_na_base_pair.hbond_type_28 
_ndb_struct_na_base_pair.hbond_type_12 
1 A DG  1  1_555 B DC  10 1_555 -0.437 -0.022 -0.146 -14.005 -7.257  0.245  1  A_DG1:DC10_B A 1  ? B 10 ? 19 1 
1 A DT  2  1_555 B XUA 9  1_555 -0.032 -0.027 0.006  -0.206  -11.722 5.291  2  A_DT2:XUA9_B A 2  ? B 9  ? 20 1 
1 A DA  3  1_555 B DT  8  1_555 0.178  -0.211 0.137  3.756   -11.413 5.952  3  A_DA3:DT8_B  A 3  ? B 8  ? 20 1 
1 A DC  4  1_555 B DG  7  1_555 0.418  -0.258 -0.045 11.439  -18.884 0.472  4  A_DC4:DG7_B  A 4  ? B 7  ? 19 1 
1 A DG  5  1_555 B DC  6  1_555 -0.219 -0.166 0.169  2.411   -12.782 -2.089 5  A_DG5:DC6_B  A 5  ? B 6  ? 19 1 
1 A DC  6  1_555 B DG  5  1_555 0.295  -0.147 0.221  -3.610  -13.434 -0.441 6  A_DC6:DG5_B  A 6  ? B 5  ? 19 1 
1 A DG  7  1_555 B DC  4  1_555 -0.220 -0.239 -0.031 -9.183  -18.388 -2.153 7  A_DG7:DC4_B  A 7  ? B 4  ? 19 1 
1 A DT  8  1_555 B DA  3  1_555 -0.179 -0.168 0.176  -5.326  -12.268 8.294  8  A_DT8:DA3_B  A 8  ? B 3  ? 20 1 
1 A XUA 9  1_555 B DT  2  1_555 0.096  -0.100 0.000  -0.199  -12.598 6.164  9  A_XUA9:DT2_B A 9  ? B 2  ? 20 1 
1 A DC  10 1_555 B DG  1  1_555 0.509  -0.139 -0.144 14.063  -7.626  0.447  10 A_DC10:DG1_B A 10 ? B 1  ? 19 1 
# 
loop_
_ndb_struct_na_base_pair_step.model_number 
_ndb_struct_na_base_pair_step.i_label_asym_id_1 
_ndb_struct_na_base_pair_step.i_label_comp_id_1 
_ndb_struct_na_base_pair_step.i_label_seq_id_1 
_ndb_struct_na_base_pair_step.i_symmetry_1 
_ndb_struct_na_base_pair_step.j_label_asym_id_1 
_ndb_struct_na_base_pair_step.j_label_comp_id_1 
_ndb_struct_na_base_pair_step.j_label_seq_id_1 
_ndb_struct_na_base_pair_step.j_symmetry_1 
_ndb_struct_na_base_pair_step.i_label_asym_id_2 
_ndb_struct_na_base_pair_step.i_label_comp_id_2 
_ndb_struct_na_base_pair_step.i_label_seq_id_2 
_ndb_struct_na_base_pair_step.i_symmetry_2 
_ndb_struct_na_base_pair_step.j_label_asym_id_2 
_ndb_struct_na_base_pair_step.j_label_comp_id_2 
_ndb_struct_na_base_pair_step.j_label_seq_id_2 
_ndb_struct_na_base_pair_step.j_symmetry_2 
_ndb_struct_na_base_pair_step.shift 
_ndb_struct_na_base_pair_step.slide 
_ndb_struct_na_base_pair_step.rise 
_ndb_struct_na_base_pair_step.tilt 
_ndb_struct_na_base_pair_step.roll 
_ndb_struct_na_base_pair_step.twist 
_ndb_struct_na_base_pair_step.x_displacement 
_ndb_struct_na_base_pair_step.y_displacement 
_ndb_struct_na_base_pair_step.helical_rise 
_ndb_struct_na_base_pair_step.inclination 
_ndb_struct_na_base_pair_step.tip 
_ndb_struct_na_base_pair_step.helical_twist 
_ndb_struct_na_base_pair_step.step_number 
_ndb_struct_na_base_pair_step.step_name 
_ndb_struct_na_base_pair_step.i_auth_asym_id_1 
_ndb_struct_na_base_pair_step.i_auth_seq_id_1 
_ndb_struct_na_base_pair_step.i_PDB_ins_code_1 
_ndb_struct_na_base_pair_step.j_auth_asym_id_1 
_ndb_struct_na_base_pair_step.j_auth_seq_id_1 
_ndb_struct_na_base_pair_step.j_PDB_ins_code_1 
_ndb_struct_na_base_pair_step.i_auth_asym_id_2 
_ndb_struct_na_base_pair_step.i_auth_seq_id_2 
_ndb_struct_na_base_pair_step.i_PDB_ins_code_2 
_ndb_struct_na_base_pair_step.j_auth_asym_id_2 
_ndb_struct_na_base_pair_step.j_auth_seq_id_2 
_ndb_struct_na_base_pair_step.j_PDB_ins_code_2 
1 A DG  1 1_555 B DC  10 1_555 A DT  2  1_555 B XUA 9 1_555 0.071  -0.926 3.047 -0.319 8.887  29.445 -3.302 -0.191 2.659 17.002 
0.611   30.730 1 AA_DG1DT2:XUA9DC10_BB A 1 ? B 10 ? A 2  ? B 9 ? 
1 A DT  2 1_555 B XUA 9  1_555 A DA  3  1_555 B DT  8 1_555 0.198  -1.024 3.098 -1.245 9.512  33.576 -3.015 -0.501 2.708 16.062 
2.102   34.882 2 AA_DT2DA3:DT8XUA9_BB  A 2 ? B 9  ? A 3  ? B 8 ? 
1 A DA  3 1_555 B DT  8  1_555 A DC  4  1_555 B DG  7 1_555 -0.452 -1.176 3.093 -0.174 4.517  32.488 -2.799 0.774  2.910 8.025  
0.309   32.792 3 AA_DA3DC4:DG7DT8_BB   A 3 ? B 8  ? A 4  ? B 7 ? 
1 A DC  4 1_555 B DG  7  1_555 A DG  5  1_555 B DC  6 1_555 -0.864 -1.819 3.322 -6.339 16.719 26.949 -5.940 0.545  2.029 31.814 
12.063  32.249 4 AA_DC4DG5:DC6DG7_BB   A 4 ? B 7  ? A 5  ? B 6 ? 
1 A DG  5 1_555 B DC  6  1_555 A DC  6  1_555 B DG  5 1_555 0.000  -1.528 3.419 -0.093 6.995  37.341 -3.244 -0.012 3.094 10.808 
0.144   37.968 5 AA_DG5DC6:DG5DC6_BB   A 5 ? B 6  ? A 6  ? B 5 ? 
1 A DC  6 1_555 B DG  5  1_555 A DG  7  1_555 B DC  4 1_555 0.705  -1.877 3.195 6.090  16.064 27.683 -5.758 -0.348 1.951 30.172 
-11.439 32.492 6 AA_DC6DG7:DC4DG5_BB   A 6 ? B 5  ? A 7  ? B 4 ? 
1 A DG  7 1_555 B DC  4  1_555 A DT  8  1_555 B DA  3 1_555 0.521  -1.235 3.211 0.074  4.638  30.258 -3.214 -0.973 2.994 8.819  
-0.140  30.603 7 AA_DG7DT8:DA3DC4_BB   A 7 ? B 4  ? A 8  ? B 3 ? 
1 A DT  8 1_555 B DA  3  1_555 A XUA 9  1_555 B DT  2 1_555 -0.175 -1.052 3.046 1.547  9.220  34.703 -2.881 0.481  2.678 15.120 
-2.537  35.903 8 AA_DT8XUA9:DT2DA3_BB  A 8 ? B 3  ? A 9  ? B 2 ? 
1 A XUA 9 1_555 B DT  2  1_555 A DC  10 1_555 B DG  1 1_555 -0.064 -0.977 2.991 -0.106 8.286  29.212 -3.326 0.105  2.622 16.026 
0.204   30.340 9 AA_XUA9DC10:DG1DT2_BB A 9 ? B 2  ? A 10 ? B 1 ? 
# 
loop_
_pdbx_entity_nonpoly.entity_id 
_pdbx_entity_nonpoly.name 
_pdbx_entity_nonpoly.comp_id 
2 'MAGNESIUM ION' MG  
3 water           HOH 
# 
_pdbx_initial_refinement_model.id               1 
_pdbx_initial_refinement_model.entity_id_list   ? 
_pdbx_initial_refinement_model.type             'experimental model' 
_pdbx_initial_refinement_model.source_name      PDB 
_pdbx_initial_refinement_model.accession_code   395D 
_pdbx_initial_refinement_model.details          ? 
# 
